data_4AOW
#
_entry.id   4AOW
#
_cell.length_a   134.260
_cell.length_b   134.260
_cell.length_c   135.186
_cell.angle_alpha   90.00
_cell.angle_beta   90.00
_cell.angle_gamma   90.00
#
_symmetry.space_group_name_H-M   'P 41 21 2'
#
loop_
_entity.id
_entity.type
_entity.pdbx_description
1 polymer 'GUANINE NUCLEOTIDE-BINDING PROTEIN SUBUNIT BETA-2-LIKE 1'
2 non-polymer GLYCEROL
3 water water
#
_entity_poly.entity_id   1
_entity_poly.type   'polypeptide(L)'
_entity_poly.pdbx_seq_one_letter_code
;MHHHHHHSSGVDLGTENLYFQSMMTEQMTLRGTLKGHNGWVTQIATTPQFPDMILSASRDKTIIMWKLTRDETNYGIPQR
ALRGHSHFVSDVVISSDGQFALSGSWDGTLRLWDLTTGTTTRRFVGHTKDVLSVAFSSDNRQIVSGSRDKTIKLWNTLGV
CKYTVQDESHSEWVSCVRFSPNSSNPIIVSCGWDKLVKVWNLANCKLKTNHIGHTGYLNTVTVSPDGSLCASGGKDGQAM
LWDLNEGKHLYTLDGGDIINALCFSPNRYWLCAATGPSIKIWDLEGKIIVDELKQEVISTSSKAEPPQCTSLAWSADGQT
LFAGYTDNLVRVWQVTIGTR
;
_entity_poly.pdbx_strand_id   A,B,C
#
# COMPACT_ATOMS: atom_id res chain seq x y z
N GLU A 26 5.31 28.23 -32.62
CA GLU A 26 5.13 26.78 -32.67
C GLU A 26 3.64 26.38 -32.64
N GLN A 27 3.11 25.89 -33.79
CA GLN A 27 1.72 25.43 -33.96
C GLN A 27 1.62 24.37 -35.06
N MET A 28 0.70 23.42 -34.88
CA MET A 28 0.57 22.34 -35.86
C MET A 28 -0.65 22.51 -36.74
N THR A 29 -0.50 22.15 -38.03
CA THR A 29 -1.60 22.18 -39.00
C THR A 29 -1.60 20.88 -39.80
N LEU A 30 -2.78 20.47 -40.28
CA LEU A 30 -2.94 19.30 -41.12
C LEU A 30 -2.43 19.61 -42.54
N ARG A 31 -1.36 18.91 -42.95
CA ARG A 31 -0.72 19.09 -44.26
C ARG A 31 -1.29 18.13 -45.28
N GLY A 32 -1.74 16.98 -44.82
CA GLY A 32 -2.28 15.96 -45.69
C GLY A 32 -2.66 14.68 -44.98
N THR A 33 -3.00 13.67 -45.77
CA THR A 33 -3.42 12.35 -45.31
C THR A 33 -2.75 11.27 -46.19
N LEU A 34 -2.74 10.02 -45.71
CA LEU A 34 -2.22 8.90 -46.48
C LEU A 34 -3.30 7.83 -46.54
N LYS A 35 -3.87 7.65 -47.73
CA LYS A 35 -4.93 6.68 -48.00
C LYS A 35 -4.34 5.45 -48.70
N GLY A 36 -4.73 4.27 -48.23
CA GLY A 36 -4.24 3.00 -48.74
C GLY A 36 -4.71 1.81 -47.92
N HIS A 37 -4.60 1.91 -46.57
CA HIS A 37 -5.05 0.88 -45.65
C HIS A 37 -6.58 0.66 -45.74
N ASN A 38 -7.03 -0.57 -45.47
CA ASN A 38 -8.43 -0.97 -45.51
C ASN A 38 -8.97 -1.27 -44.11
N GLY A 39 -8.09 -1.14 -43.11
CA GLY A 39 -8.40 -1.31 -41.70
C GLY A 39 -7.69 -0.25 -40.88
N TRP A 40 -7.99 -0.17 -39.57
CA TRP A 40 -7.35 0.79 -38.65
C TRP A 40 -5.85 0.82 -38.81
N VAL A 41 -5.26 2.01 -38.69
CA VAL A 41 -3.79 2.14 -38.69
C VAL A 41 -3.48 1.94 -37.21
N THR A 42 -2.58 0.99 -36.88
CA THR A 42 -2.28 0.64 -35.49
C THR A 42 -0.97 1.21 -35.00
N GLN A 43 -0.03 1.46 -35.92
CA GLN A 43 1.29 1.97 -35.61
C GLN A 43 1.93 2.62 -36.85
N ILE A 44 2.86 3.56 -36.58
CA ILE A 44 3.65 4.28 -37.57
C ILE A 44 5.11 4.23 -37.15
N ALA A 45 6.01 3.97 -38.09
CA ALA A 45 7.45 3.94 -37.84
C ALA A 45 8.18 4.81 -38.87
N THR A 46 9.16 5.59 -38.46
CA THR A 46 9.96 6.44 -39.37
C THR A 46 11.45 6.09 -39.28
N THR A 47 12.28 6.53 -40.24
CA THR A 47 13.72 6.27 -40.21
C THR A 47 14.54 7.48 -40.67
N PRO A 48 15.61 7.88 -39.92
CA PRO A 48 16.45 9.02 -40.34
C PRO A 48 17.17 8.86 -41.67
N GLN A 49 17.46 7.60 -42.09
CA GLN A 49 18.15 7.24 -43.35
C GLN A 49 17.26 7.40 -44.59
N PHE A 50 15.94 7.28 -44.42
CA PHE A 50 15.03 7.41 -45.55
C PHE A 50 13.91 8.39 -45.20
N PRO A 51 14.20 9.71 -45.24
CA PRO A 51 13.16 10.69 -44.85
C PRO A 51 11.90 10.72 -45.72
N ASP A 52 11.97 10.16 -46.95
CA ASP A 52 10.84 10.08 -47.88
C ASP A 52 10.10 8.75 -47.76
N MET A 53 10.46 7.96 -46.75
CA MET A 53 9.85 6.66 -46.54
C MET A 53 9.41 6.46 -45.10
N ILE A 54 8.17 6.03 -44.90
CA ILE A 54 7.60 5.72 -43.59
C ILE A 54 6.81 4.40 -43.67
N LEU A 55 6.70 3.69 -42.54
CA LEU A 55 5.93 2.45 -42.46
C LEU A 55 4.72 2.62 -41.56
N SER A 56 3.62 1.96 -41.93
CA SER A 56 2.41 1.95 -41.14
C SER A 56 1.85 0.51 -41.00
N ALA A 57 1.49 0.12 -39.78
CA ALA A 57 0.91 -1.17 -39.44
C ALA A 57 -0.60 -1.00 -39.41
N SER A 58 -1.33 -2.06 -39.80
CA SER A 58 -2.76 -1.95 -39.85
C SER A 58 -3.49 -3.24 -39.50
N ARG A 59 -4.75 -3.08 -39.14
CA ARG A 59 -5.64 -4.19 -38.87
C ARG A 59 -5.97 -4.94 -40.17
N ASP A 60 -5.68 -4.33 -41.36
CA ASP A 60 -5.85 -4.98 -42.68
C ASP A 60 -4.79 -6.10 -42.92
N LYS A 61 -3.97 -6.40 -41.88
CA LYS A 61 -2.92 -7.44 -41.82
C LYS A 61 -1.62 -7.06 -42.55
N THR A 62 -1.53 -5.81 -43.03
CA THR A 62 -0.33 -5.39 -43.77
C THR A 62 0.37 -4.24 -43.12
N ILE A 63 1.58 -3.99 -43.59
CA ILE A 63 2.43 -2.85 -43.26
C ILE A 63 2.66 -2.19 -44.61
N ILE A 64 2.31 -0.91 -44.74
CA ILE A 64 2.51 -0.19 -45.97
C ILE A 64 3.77 0.65 -45.86
N MET A 65 4.62 0.54 -46.88
CA MET A 65 5.82 1.33 -47.07
C MET A 65 5.35 2.51 -47.93
N TRP A 66 5.38 3.73 -47.40
CA TRP A 66 4.93 4.92 -48.12
C TRP A 66 6.10 5.64 -48.76
N LYS A 67 5.85 6.27 -49.91
CA LYS A 67 6.80 7.09 -50.64
C LYS A 67 6.26 8.49 -50.47
N LEU A 68 7.00 9.35 -49.72
CA LEU A 68 6.60 10.73 -49.43
C LEU A 68 6.89 11.62 -50.62
N THR A 69 5.85 11.86 -51.42
CA THR A 69 5.91 12.68 -52.64
C THR A 69 5.84 14.18 -52.36
N ARG A 70 5.07 14.61 -51.34
CA ARG A 70 4.87 16.00 -50.91
C ARG A 70 4.49 16.94 -52.07
N ASP A 71 3.30 16.74 -52.67
CA ASP A 71 2.83 17.60 -53.79
C ASP A 71 1.38 18.10 -53.65
N GLU A 72 0.93 18.96 -54.61
CA GLU A 72 -0.39 19.58 -54.67
C GLU A 72 -1.59 18.60 -54.71
N THR A 73 -1.33 17.28 -54.85
CA THR A 73 -2.37 16.25 -54.91
C THR A 73 -2.24 15.22 -53.78
N ASN A 74 -0.99 14.76 -53.52
CA ASN A 74 -0.72 13.74 -52.51
C ASN A 74 0.52 14.03 -51.68
N TYR A 75 0.45 13.85 -50.35
CA TYR A 75 1.62 14.01 -49.50
C TYR A 75 2.51 12.78 -49.69
N GLY A 76 1.85 11.62 -49.79
CA GLY A 76 2.51 10.34 -49.97
C GLY A 76 1.65 9.33 -50.69
N ILE A 77 2.30 8.31 -51.21
CA ILE A 77 1.65 7.23 -51.95
C ILE A 77 2.18 5.86 -51.47
N PRO A 78 1.34 4.79 -51.51
CA PRO A 78 1.84 3.45 -51.10
C PRO A 78 2.85 2.92 -52.12
N GLN A 79 4.07 2.64 -51.64
CA GLN A 79 5.17 2.16 -52.47
C GLN A 79 5.10 0.63 -52.58
N ARG A 80 4.89 -0.03 -51.44
CA ARG A 80 4.80 -1.49 -51.34
C ARG A 80 3.96 -1.85 -50.11
N ALA A 81 3.35 -3.04 -50.12
CA ALA A 81 2.57 -3.57 -49.03
C ALA A 81 3.25 -4.84 -48.56
N LEU A 82 3.61 -4.89 -47.26
CA LEU A 82 4.24 -6.05 -46.63
C LEU A 82 3.16 -7.00 -46.10
N ARG A 83 3.00 -8.15 -46.77
CA ARG A 83 1.98 -9.17 -46.46
C ARG A 83 2.63 -10.47 -45.91
N GLY A 84 1.95 -11.11 -44.96
CA GLY A 84 2.43 -12.35 -44.35
C GLY A 84 1.75 -12.70 -43.03
N HIS A 85 1.46 -11.72 -42.18
CA HIS A 85 0.79 -11.88 -40.89
C HIS A 85 -0.65 -12.34 -41.18
N SER A 86 -1.19 -13.27 -40.36
CA SER A 86 -2.52 -13.82 -40.60
C SER A 86 -3.63 -13.16 -39.75
N HIS A 87 -3.32 -12.00 -39.14
CA HIS A 87 -4.23 -11.23 -38.29
C HIS A 87 -3.68 -9.81 -38.18
N PHE A 88 -4.40 -8.90 -37.45
CA PHE A 88 -4.02 -7.49 -37.25
C PHE A 88 -2.54 -7.33 -36.91
N VAL A 89 -1.87 -6.40 -37.57
CA VAL A 89 -0.47 -6.05 -37.25
C VAL A 89 -0.61 -4.97 -36.15
N SER A 90 -0.04 -5.23 -34.94
CA SER A 90 -0.15 -4.38 -33.74
C SER A 90 0.95 -3.32 -33.57
N ASP A 91 2.16 -3.65 -33.98
CA ASP A 91 3.31 -2.76 -33.80
C ASP A 91 4.29 -2.96 -34.94
N VAL A 92 5.04 -1.90 -35.28
CA VAL A 92 6.06 -1.91 -36.34
C VAL A 92 7.18 -0.94 -35.93
N VAL A 93 8.44 -1.34 -36.14
CA VAL A 93 9.61 -0.52 -35.87
C VAL A 93 10.62 -0.78 -37.00
N ILE A 94 11.45 0.23 -37.33
CA ILE A 94 12.46 0.13 -38.40
C ILE A 94 13.87 0.00 -37.77
N SER A 95 14.80 -0.71 -38.45
CA SER A 95 16.17 -0.86 -37.95
C SER A 95 16.94 0.47 -38.09
N SER A 96 18.05 0.65 -37.34
CA SER A 96 18.83 1.89 -37.37
C SER A 96 19.35 2.30 -38.77
N ASP A 97 19.63 1.32 -39.63
CA ASP A 97 20.09 1.60 -41.00
C ASP A 97 18.90 1.84 -41.99
N GLY A 98 17.69 1.59 -41.51
CA GLY A 98 16.48 1.80 -42.28
C GLY A 98 16.22 0.73 -43.33
N GLN A 99 17.00 -0.36 -43.28
CA GLN A 99 16.94 -1.47 -44.22
C GLN A 99 15.91 -2.54 -43.85
N PHE A 100 15.59 -2.67 -42.56
CA PHE A 100 14.68 -3.70 -42.07
C PHE A 100 13.59 -3.16 -41.18
N ALA A 101 12.48 -3.92 -41.11
CA ALA A 101 11.35 -3.63 -40.23
C ALA A 101 11.07 -4.84 -39.34
N LEU A 102 10.57 -4.58 -38.14
CA LEU A 102 10.16 -5.62 -37.20
C LEU A 102 8.72 -5.35 -36.85
N SER A 103 7.85 -6.32 -37.12
CA SER A 103 6.42 -6.18 -36.79
C SER A 103 5.99 -7.26 -35.81
N GLY A 104 4.88 -7.01 -35.14
CA GLY A 104 4.22 -7.90 -34.22
C GLY A 104 2.77 -8.01 -34.65
N SER A 105 2.13 -9.18 -34.37
CA SER A 105 0.76 -9.38 -34.84
C SER A 105 -0.11 -10.16 -33.87
N TRP A 106 -1.43 -10.02 -34.03
CA TRP A 106 -2.40 -10.79 -33.21
C TRP A 106 -2.34 -12.26 -33.55
N ASP A 107 -1.49 -12.64 -34.54
CA ASP A 107 -1.30 -14.03 -34.95
C ASP A 107 -0.37 -14.75 -33.99
N GLY A 108 0.23 -14.00 -33.08
CA GLY A 108 1.16 -14.48 -32.05
C GLY A 108 2.59 -14.60 -32.51
N THR A 109 2.98 -13.87 -33.56
CA THR A 109 4.35 -13.92 -34.07
C THR A 109 4.94 -12.51 -34.32
N LEU A 110 6.25 -12.46 -34.48
CA LEU A 110 6.97 -11.28 -34.89
C LEU A 110 7.52 -11.65 -36.25
N ARG A 111 7.79 -10.63 -37.08
CA ARG A 111 8.36 -10.81 -38.38
C ARG A 111 9.40 -9.76 -38.66
N LEU A 112 10.54 -10.17 -39.24
CA LEU A 112 11.63 -9.30 -39.66
C LEU A 112 11.44 -9.20 -41.17
N TRP A 113 11.47 -7.99 -41.70
CA TRP A 113 11.25 -7.75 -43.10
C TRP A 113 12.42 -7.06 -43.71
N ASP A 114 12.83 -7.52 -44.91
CA ASP A 114 13.85 -6.86 -45.70
C ASP A 114 13.05 -5.83 -46.49
N LEU A 115 13.32 -4.53 -46.25
CA LEU A 115 12.59 -3.48 -46.93
C LEU A 115 12.79 -3.38 -48.44
N THR A 116 14.00 -3.67 -48.93
CA THR A 116 14.29 -3.62 -50.37
C THR A 116 13.51 -4.70 -51.18
N THR A 117 13.49 -5.95 -50.68
CA THR A 117 12.76 -7.06 -51.32
C THR A 117 11.27 -7.11 -50.94
N GLY A 118 10.94 -6.57 -49.77
CA GLY A 118 9.58 -6.59 -49.21
C GLY A 118 9.14 -7.96 -48.76
N THR A 119 10.13 -8.77 -48.32
CA THR A 119 9.96 -10.16 -47.92
C THR A 119 10.25 -10.38 -46.41
N THR A 120 9.58 -11.37 -45.80
CA THR A 120 9.89 -11.74 -44.42
C THR A 120 11.16 -12.58 -44.48
N THR A 121 12.17 -12.18 -43.70
CA THR A 121 13.45 -12.90 -43.62
C THR A 121 13.43 -13.80 -42.40
N ARG A 122 12.53 -13.52 -41.44
CA ARG A 122 12.48 -14.27 -40.18
C ARG A 122 11.13 -14.17 -39.49
N ARG A 123 10.63 -15.31 -38.99
CA ARG A 123 9.41 -15.40 -38.20
C ARG A 123 9.83 -15.72 -36.76
N PHE A 124 9.25 -15.02 -35.78
CA PHE A 124 9.55 -15.26 -34.37
C PHE A 124 8.36 -16.01 -33.72
N VAL A 125 8.54 -17.34 -33.53
CA VAL A 125 7.52 -18.19 -32.97
C VAL A 125 7.92 -18.54 -31.50
N GLY A 126 6.98 -18.32 -30.59
CA GLY A 126 7.20 -18.58 -29.17
C GLY A 126 6.04 -18.15 -28.31
N HIS A 127 5.55 -16.92 -28.51
CA HIS A 127 4.38 -16.45 -27.78
C HIS A 127 3.17 -17.40 -28.01
N THR A 128 2.33 -17.58 -26.99
CA THR A 128 1.16 -18.45 -27.14
C THR A 128 -0.17 -17.69 -27.38
N LYS A 129 -0.09 -16.34 -27.49
CA LYS A 129 -1.22 -15.45 -27.72
C LYS A 129 -0.77 -14.21 -28.50
N ASP A 130 -1.74 -13.38 -28.95
CA ASP A 130 -1.49 -12.15 -29.72
C ASP A 130 -0.24 -11.41 -29.27
N VAL A 131 0.56 -10.92 -30.21
CA VAL A 131 1.72 -10.11 -29.81
C VAL A 131 1.24 -8.67 -29.89
N LEU A 132 1.39 -7.93 -28.81
CA LEU A 132 0.90 -6.56 -28.77
C LEU A 132 1.93 -5.46 -29.02
N SER A 133 3.22 -5.75 -28.79
CA SER A 133 4.27 -4.73 -28.89
C SER A 133 5.60 -5.36 -29.26
N VAL A 134 6.40 -4.64 -30.03
CA VAL A 134 7.74 -5.04 -30.46
C VAL A 134 8.70 -3.87 -30.31
N ALA A 135 10.00 -4.18 -30.14
CA ALA A 135 11.03 -3.16 -30.07
C ALA A 135 12.42 -3.74 -30.34
N PHE A 136 13.29 -2.93 -30.96
CA PHE A 136 14.70 -3.21 -31.24
C PHE A 136 15.47 -2.48 -30.19
N SER A 137 16.58 -3.08 -29.72
CA SER A 137 17.48 -2.38 -28.79
C SER A 137 18.25 -1.34 -29.64
N SER A 138 18.86 -0.35 -28.99
CA SER A 138 19.59 0.68 -29.72
C SER A 138 20.66 0.11 -30.72
N ASP A 139 21.40 -0.93 -30.30
CA ASP A 139 22.42 -1.56 -31.16
C ASP A 139 21.79 -2.51 -32.18
N ASN A 140 20.45 -2.77 -32.09
CA ASN A 140 19.70 -3.65 -32.98
C ASN A 140 20.07 -5.14 -32.86
N ARG A 141 20.80 -5.51 -31.80
CA ARG A 141 21.21 -6.89 -31.55
C ARG A 141 20.17 -7.71 -30.80
N GLN A 142 19.24 -7.02 -30.12
CA GLN A 142 18.21 -7.61 -29.25
C GLN A 142 16.84 -7.13 -29.65
N ILE A 143 15.83 -7.98 -29.43
CA ILE A 143 14.43 -7.75 -29.73
C ILE A 143 13.55 -8.14 -28.53
N VAL A 144 12.57 -7.28 -28.16
CA VAL A 144 11.57 -7.53 -27.12
C VAL A 144 10.17 -7.54 -27.69
N SER A 145 9.32 -8.35 -27.05
CA SER A 145 7.93 -8.47 -27.39
C SER A 145 7.12 -8.60 -26.11
N GLY A 146 5.90 -8.07 -26.15
CA GLY A 146 4.90 -8.16 -25.11
C GLY A 146 3.68 -8.80 -25.72
N SER A 147 3.04 -9.70 -24.99
CA SER A 147 1.91 -10.44 -25.52
C SER A 147 0.73 -10.58 -24.59
N ARG A 148 -0.40 -11.02 -25.20
CA ARG A 148 -1.59 -11.34 -24.44
C ARG A 148 -1.31 -12.56 -23.56
N ASP A 149 -0.23 -13.30 -23.83
CA ASP A 149 0.07 -14.49 -22.98
C ASP A 149 0.68 -14.10 -21.60
N LYS A 150 0.70 -12.78 -21.30
CA LYS A 150 1.20 -12.20 -20.05
C LYS A 150 2.72 -12.20 -19.90
N THR A 151 3.47 -12.67 -20.95
CA THR A 151 4.93 -12.68 -20.93
C THR A 151 5.58 -11.61 -21.77
N ILE A 152 6.85 -11.32 -21.43
CA ILE A 152 7.79 -10.45 -22.13
C ILE A 152 8.87 -11.40 -22.65
N LYS A 153 9.15 -11.39 -23.97
CA LYS A 153 10.17 -12.24 -24.54
C LYS A 153 11.32 -11.44 -25.13
N LEU A 154 12.53 -11.93 -24.88
CA LEU A 154 13.77 -11.38 -25.41
C LEU A 154 14.23 -12.35 -26.50
N TRP A 155 14.59 -11.81 -27.66
CA TRP A 155 15.01 -12.62 -28.80
C TRP A 155 16.25 -12.03 -29.41
N ASN A 156 16.94 -12.82 -30.22
CA ASN A 156 18.07 -12.31 -31.01
C ASN A 156 17.47 -12.04 -32.40
N THR A 157 18.29 -11.61 -33.36
CA THR A 157 17.83 -11.31 -34.73
C THR A 157 17.57 -12.57 -35.57
N LEU A 158 17.81 -13.75 -35.02
CA LEU A 158 17.61 -15.02 -35.74
C LEU A 158 16.34 -15.77 -35.35
N GLY A 159 15.47 -15.11 -34.57
CA GLY A 159 14.18 -15.63 -34.12
C GLY A 159 14.23 -16.59 -32.96
N VAL A 160 15.38 -16.63 -32.27
CA VAL A 160 15.57 -17.51 -31.12
C VAL A 160 15.18 -16.73 -29.86
N CYS A 161 14.27 -17.27 -29.03
CA CYS A 161 13.87 -16.70 -27.73
C CYS A 161 14.97 -17.03 -26.72
N LYS A 162 15.60 -15.99 -26.22
CA LYS A 162 16.75 -16.05 -25.31
C LYS A 162 16.30 -16.02 -23.86
N TYR A 163 15.17 -15.35 -23.61
CA TYR A 163 14.62 -15.18 -22.29
C TYR A 163 13.12 -14.90 -22.35
N THR A 164 12.40 -15.48 -21.41
CA THR A 164 10.98 -15.25 -21.19
C THR A 164 10.80 -14.73 -19.77
N VAL A 165 10.24 -13.54 -19.64
CA VAL A 165 9.92 -13.03 -18.33
C VAL A 165 8.48 -13.39 -17.97
N GLN A 166 8.32 -14.24 -16.97
CA GLN A 166 7.00 -14.78 -16.67
C GLN A 166 6.55 -14.52 -15.27
N ASP A 167 7.51 -14.45 -14.37
CA ASP A 167 7.28 -14.36 -12.95
C ASP A 167 6.91 -13.13 -12.12
N GLU A 168 7.82 -12.18 -12.08
CA GLU A 168 7.61 -10.92 -11.45
C GLU A 168 7.23 -10.06 -12.63
N SER A 169 6.38 -10.65 -13.45
CA SER A 169 5.87 -10.03 -14.65
C SER A 169 4.44 -9.64 -14.44
N HIS A 170 3.86 -8.99 -15.44
CA HIS A 170 2.52 -8.53 -15.32
C HIS A 170 1.54 -9.69 -15.12
N SER A 171 0.53 -9.50 -14.28
CA SER A 171 -0.47 -10.53 -14.00
C SER A 171 -1.59 -10.51 -15.06
N GLU A 172 -1.46 -9.62 -16.07
CA GLU A 172 -2.41 -9.46 -17.17
C GLU A 172 -1.66 -9.27 -18.48
N TRP A 173 -2.40 -8.97 -19.60
CA TRP A 173 -1.84 -8.69 -20.92
C TRP A 173 -0.71 -7.64 -20.83
N VAL A 174 0.42 -7.89 -21.48
CA VAL A 174 1.51 -6.91 -21.57
C VAL A 174 1.26 -6.17 -22.88
N SER A 175 0.84 -4.90 -22.79
CA SER A 175 0.44 -4.09 -23.95
C SER A 175 1.52 -3.31 -24.66
N CYS A 176 2.65 -3.03 -23.97
CA CYS A 176 3.75 -2.26 -24.54
C CYS A 176 5.09 -2.59 -23.89
N VAL A 177 6.14 -2.76 -24.71
CA VAL A 177 7.53 -3.00 -24.27
C VAL A 177 8.46 -2.07 -25.04
N ARG A 178 9.30 -1.30 -24.31
CA ARG A 178 10.28 -0.39 -24.93
C ARG A 178 11.65 -0.44 -24.28
N PHE A 179 12.72 -0.25 -25.07
CA PHE A 179 14.08 -0.17 -24.55
C PHE A 179 14.38 1.28 -24.20
N SER A 180 15.34 1.51 -23.33
CA SER A 180 15.76 2.86 -23.06
C SER A 180 17.05 3.11 -23.87
N PRO A 181 17.27 4.34 -24.42
CA PRO A 181 18.51 4.59 -25.18
C PRO A 181 19.76 4.83 -24.31
N ASN A 182 19.59 4.97 -22.98
CA ASN A 182 20.69 5.18 -22.03
C ASN A 182 21.41 3.85 -21.74
N SER A 183 22.68 3.74 -22.16
CA SER A 183 23.54 2.58 -21.98
C SER A 183 24.09 2.39 -20.55
N SER A 184 24.07 3.45 -19.70
CA SER A 184 24.59 3.35 -18.35
C SER A 184 23.60 2.63 -17.45
N ASN A 185 22.33 2.72 -17.80
CA ASN A 185 21.22 2.11 -17.08
C ASN A 185 20.52 1.13 -18.07
N PRO A 186 21.12 -0.05 -18.41
CA PRO A 186 20.48 -0.94 -19.40
C PRO A 186 19.13 -1.41 -18.88
N ILE A 187 18.07 -0.89 -19.53
CA ILE A 187 16.69 -1.09 -19.10
C ILE A 187 15.67 -1.30 -20.21
N ILE A 188 14.63 -2.09 -19.89
CA ILE A 188 13.42 -2.28 -20.65
C ILE A 188 12.24 -1.81 -19.79
N VAL A 189 11.31 -1.08 -20.38
CA VAL A 189 10.12 -0.58 -19.70
C VAL A 189 8.88 -1.29 -20.27
N SER A 190 7.94 -1.65 -19.42
CA SER A 190 6.71 -2.29 -19.90
C SER A 190 5.50 -1.84 -19.13
N CYS A 191 4.34 -1.95 -19.75
CA CYS A 191 3.06 -1.67 -19.09
C CYS A 191 2.09 -2.76 -19.46
N GLY A 192 1.03 -2.90 -18.67
CA GLY A 192 0.04 -3.94 -18.90
C GLY A 192 -1.35 -3.61 -18.42
N TRP A 193 -2.23 -4.59 -18.58
CA TRP A 193 -3.63 -4.48 -18.15
C TRP A 193 -3.77 -4.66 -16.65
N ASP A 194 -2.64 -4.94 -15.95
CA ASP A 194 -2.58 -5.05 -14.50
C ASP A 194 -2.38 -3.65 -13.87
N LYS A 195 -2.45 -2.58 -14.70
CA LYS A 195 -2.33 -1.16 -14.28
C LYS A 195 -0.91 -0.78 -13.83
N LEU A 196 0.07 -1.65 -14.08
CA LEU A 196 1.42 -1.39 -13.65
C LEU A 196 2.37 -1.04 -14.76
N VAL A 197 3.37 -0.28 -14.41
CA VAL A 197 4.50 0.07 -15.26
C VAL A 197 5.66 -0.62 -14.55
N LYS A 198 6.37 -1.46 -15.30
CA LYS A 198 7.51 -2.20 -14.78
C LYS A 198 8.79 -1.79 -15.51
N VAL A 199 9.86 -1.56 -14.73
CA VAL A 199 11.19 -1.23 -15.23
C VAL A 199 12.05 -2.48 -14.95
N TRP A 200 12.69 -3.01 -15.99
CA TRP A 200 13.48 -4.21 -15.88
C TRP A 200 14.94 -3.96 -16.11
N ASN A 201 15.82 -4.65 -15.35
CA ASN A 201 17.25 -4.57 -15.57
CA ASN A 201 17.25 -4.56 -15.56
C ASN A 201 17.52 -5.48 -16.77
N LEU A 202 17.95 -4.92 -17.90
CA LEU A 202 18.22 -5.64 -19.15
C LEU A 202 19.31 -6.73 -19.06
N ALA A 203 20.31 -6.54 -18.19
CA ALA A 203 21.43 -7.48 -18.02
C ALA A 203 20.98 -8.88 -17.50
N ASN A 204 20.15 -8.93 -16.44
CA ASN A 204 19.68 -10.17 -15.85
C ASN A 204 18.18 -10.45 -16.03
N CYS A 205 17.45 -9.51 -16.65
CA CYS A 205 16.00 -9.56 -16.87
C CYS A 205 15.16 -9.67 -15.60
N LYS A 206 15.66 -9.09 -14.51
CA LYS A 206 14.99 -9.07 -13.23
C LYS A 206 14.37 -7.70 -12.99
N LEU A 207 13.19 -7.70 -12.34
CA LEU A 207 12.44 -6.51 -11.99
C LEU A 207 13.28 -5.51 -11.18
N LYS A 208 13.27 -4.26 -11.63
CA LYS A 208 13.97 -3.19 -10.95
C LYS A 208 12.95 -2.41 -10.12
N THR A 209 11.80 -2.03 -10.73
CA THR A 209 10.78 -1.21 -10.09
C THR A 209 9.38 -1.52 -10.60
N ASN A 210 8.40 -1.41 -9.70
CA ASN A 210 6.99 -1.48 -10.01
C ASN A 210 6.50 -0.05 -9.86
N HIS A 211 5.86 0.51 -10.88
CA HIS A 211 5.33 1.88 -10.79
C HIS A 211 3.83 1.80 -10.67
N ILE A 212 3.32 1.95 -9.44
CA ILE A 212 1.89 1.94 -9.08
C ILE A 212 1.38 3.39 -9.12
N GLY A 213 0.14 3.56 -9.54
CA GLY A 213 -0.48 4.87 -9.64
C GLY A 213 -1.71 4.88 -10.51
N HIS A 214 -1.61 4.25 -11.70
CA HIS A 214 -2.73 4.17 -12.65
C HIS A 214 -3.93 3.43 -12.07
N THR A 215 -5.16 3.88 -12.42
CA THR A 215 -6.44 3.30 -11.93
C THR A 215 -7.11 2.44 -13.00
N GLY A 216 -6.54 2.46 -14.21
CA GLY A 216 -7.03 1.67 -15.32
C GLY A 216 -5.93 0.95 -16.08
N TYR A 217 -6.33 0.04 -17.00
CA TYR A 217 -5.39 -0.67 -17.85
C TYR A 217 -4.47 0.29 -18.63
N LEU A 218 -3.28 -0.19 -19.00
CA LEU A 218 -2.32 0.59 -19.75
C LEU A 218 -2.17 0.11 -21.15
N ASN A 219 -2.11 1.06 -22.08
CA ASN A 219 -1.97 0.80 -23.52
C ASN A 219 -0.59 1.06 -24.03
N THR A 220 0.13 2.01 -23.41
CA THR A 220 1.39 2.48 -23.95
C THR A 220 2.42 2.99 -22.92
N VAL A 221 3.70 2.88 -23.28
CA VAL A 221 4.86 3.44 -22.56
C VAL A 221 5.83 3.99 -23.57
N THR A 222 6.47 5.08 -23.28
CA THR A 222 7.45 5.69 -24.17
C THR A 222 8.60 6.24 -23.35
N VAL A 223 9.80 6.21 -23.91
CA VAL A 223 11.02 6.66 -23.26
C VAL A 223 11.61 7.86 -24.01
N SER A 224 11.98 8.90 -23.25
CA SER A 224 12.55 10.13 -23.81
C SER A 224 13.88 9.85 -24.51
N PRO A 225 14.34 10.72 -25.47
CA PRO A 225 15.64 10.49 -26.12
C PRO A 225 16.88 10.38 -25.22
N ASP A 226 16.83 10.94 -23.99
CA ASP A 226 18.00 10.84 -23.06
C ASP A 226 17.86 9.64 -22.09
N GLY A 227 16.73 8.95 -22.17
CA GLY A 227 16.42 7.80 -21.32
C GLY A 227 16.18 8.06 -19.84
N SER A 228 15.92 9.32 -19.49
CA SER A 228 15.65 9.75 -18.12
C SER A 228 14.16 9.75 -17.83
N LEU A 229 13.33 9.95 -18.86
CA LEU A 229 11.87 10.01 -18.70
C LEU A 229 11.16 8.87 -19.35
N CYS A 230 10.04 8.46 -18.75
CA CYS A 230 9.11 7.46 -19.25
C CYS A 230 7.70 7.97 -19.02
N ALA A 231 6.88 7.98 -20.07
CA ALA A 231 5.48 8.38 -19.97
C ALA A 231 4.59 7.16 -20.22
N SER A 232 3.62 6.93 -19.35
CA SER A 232 2.70 5.79 -19.42
C SER A 232 1.28 6.29 -19.58
N GLY A 233 0.46 5.51 -20.30
CA GLY A 233 -0.94 5.88 -20.54
C GLY A 233 -1.84 4.75 -20.97
N GLY A 234 -3.14 4.99 -20.80
CA GLY A 234 -4.18 4.03 -21.13
C GLY A 234 -5.55 4.53 -20.73
N LYS A 235 -6.37 3.63 -20.22
CA LYS A 235 -7.76 3.83 -19.80
C LYS A 235 -8.07 5.06 -18.93
N ASP A 236 -7.35 5.27 -17.83
CA ASP A 236 -7.61 6.37 -16.89
C ASP A 236 -7.39 7.80 -17.44
N GLY A 237 -6.81 7.90 -18.63
CA GLY A 237 -6.58 9.17 -19.31
C GLY A 237 -5.50 10.06 -18.75
N GLN A 238 -4.71 9.59 -17.77
CA GLN A 238 -3.62 10.35 -17.14
C GLN A 238 -2.27 9.92 -17.71
N ALA A 239 -1.47 10.88 -18.18
CA ALA A 239 -0.14 10.57 -18.71
C ALA A 239 0.80 10.75 -17.53
N MET A 240 1.34 9.66 -17.03
CA MET A 240 2.23 9.71 -15.86
C MET A 240 3.67 9.69 -16.26
N LEU A 241 4.45 10.63 -15.73
CA LEU A 241 5.87 10.72 -15.98
C LEU A 241 6.67 10.13 -14.85
N TRP A 242 7.57 9.20 -15.22
CA TRP A 242 8.43 8.49 -14.29
C TRP A 242 9.89 8.76 -14.62
N ASP A 243 10.72 8.96 -13.59
CA ASP A 243 12.15 9.17 -13.74
C ASP A 243 12.83 7.79 -13.71
N LEU A 244 13.42 7.39 -14.87
CA LEU A 244 14.13 6.12 -15.02
C LEU A 244 15.46 6.03 -14.27
N ASN A 245 16.12 7.19 -14.01
CA ASN A 245 17.39 7.22 -13.28
C ASN A 245 17.17 7.06 -11.78
N GLU A 246 16.16 7.74 -11.23
CA GLU A 246 15.83 7.75 -9.79
C GLU A 246 14.84 6.68 -9.36
N GLY A 247 14.02 6.19 -10.30
CA GLY A 247 12.99 5.18 -10.01
C GLY A 247 11.84 5.77 -9.22
N LYS A 248 11.40 6.96 -9.62
CA LYS A 248 10.35 7.70 -8.94
C LYS A 248 9.39 8.39 -9.90
N HIS A 249 8.14 8.55 -9.46
CA HIS A 249 7.12 9.29 -10.16
C HIS A 249 7.53 10.77 -10.16
N LEU A 250 7.33 11.46 -11.29
CA LEU A 250 7.67 12.88 -11.39
C LEU A 250 6.45 13.76 -11.29
N TYR A 251 5.51 13.62 -12.23
CA TYR A 251 4.25 14.36 -12.31
C TYR A 251 3.29 13.66 -13.25
N THR A 252 2.03 14.10 -13.27
CA THR A 252 1.00 13.56 -14.15
C THR A 252 0.32 14.67 -14.92
N LEU A 253 0.01 14.39 -16.20
CA LEU A 253 -0.66 15.32 -17.09
C LEU A 253 -2.01 14.75 -17.47
N ASP A 254 -3.06 15.57 -17.38
CA ASP A 254 -4.40 15.15 -17.71
C ASP A 254 -4.67 15.11 -19.21
N GLY A 255 -4.84 13.91 -19.74
CA GLY A 255 -5.18 13.70 -21.14
C GLY A 255 -6.65 13.86 -21.46
N GLY A 256 -7.50 13.75 -20.42
CA GLY A 256 -8.94 13.93 -20.52
C GLY A 256 -9.71 12.99 -21.44
N ASP A 257 -9.10 11.84 -21.80
CA ASP A 257 -9.64 10.80 -22.68
C ASP A 257 -8.69 9.62 -22.65
N ILE A 258 -9.16 8.42 -23.08
CA ILE A 258 -8.30 7.24 -23.14
C ILE A 258 -7.02 7.58 -23.93
N ILE A 259 -5.83 7.22 -23.37
CA ILE A 259 -4.56 7.42 -24.06
C ILE A 259 -4.25 6.15 -24.84
N ASN A 260 -4.18 6.26 -26.17
CA ASN A 260 -3.93 5.15 -27.09
C ASN A 260 -2.47 5.04 -27.50
N ALA A 261 -1.74 6.14 -27.45
CA ALA A 261 -0.33 6.19 -27.87
C ALA A 261 0.36 7.40 -27.28
N LEU A 262 1.66 7.25 -27.04
CA LEU A 262 2.55 8.27 -26.50
C LEU A 262 3.87 8.24 -27.26
N CYS A 263 4.47 9.42 -27.43
CA CYS A 263 5.79 9.63 -28.00
C CYS A 263 6.29 11.00 -27.60
N PHE A 264 7.58 11.08 -27.37
CA PHE A 264 8.25 12.34 -27.08
C PHE A 264 8.70 12.84 -28.44
N SER A 265 8.80 14.16 -28.58
CA SER A 265 9.34 14.75 -29.80
C SER A 265 10.86 14.41 -29.84
N PRO A 266 11.45 14.13 -31.03
CA PRO A 266 12.89 13.81 -31.07
C PRO A 266 13.77 15.05 -30.88
N ASN A 267 13.26 16.25 -31.23
CA ASN A 267 14.00 17.53 -31.27
C ASN A 267 13.42 18.64 -30.42
N ARG A 268 12.34 18.35 -29.63
CA ARG A 268 11.68 19.30 -28.73
C ARG A 268 11.36 18.68 -27.38
N TYR A 269 11.23 19.52 -26.35
CA TYR A 269 10.89 19.11 -24.98
C TYR A 269 9.33 18.98 -24.88
N TRP A 270 8.76 18.13 -25.78
CA TRP A 270 7.34 17.88 -25.96
C TRP A 270 6.96 16.44 -25.72
N LEU A 271 5.77 16.23 -25.14
CA LEU A 271 5.17 14.91 -24.96
C LEU A 271 3.86 14.94 -25.76
N CYS A 272 3.69 13.96 -26.66
CA CYS A 272 2.50 13.84 -27.52
C CYS A 272 1.68 12.62 -27.10
N ALA A 273 0.36 12.82 -26.89
CA ALA A 273 -0.57 11.75 -26.50
C ALA A 273 -1.74 11.66 -27.43
N ALA A 274 -2.03 10.45 -27.93
CA ALA A 274 -3.19 10.19 -28.77
C ALA A 274 -4.33 9.94 -27.78
N THR A 275 -5.04 11.02 -27.38
CA THR A 275 -6.13 10.98 -26.40
C THR A 275 -7.48 10.94 -27.10
N GLY A 276 -8.05 9.75 -27.20
CA GLY A 276 -9.34 9.56 -27.89
C GLY A 276 -9.21 9.98 -29.35
N PRO A 277 -10.03 10.96 -29.80
CA PRO A 277 -9.95 11.42 -31.19
C PRO A 277 -8.90 12.49 -31.48
N SER A 278 -8.38 13.15 -30.41
CA SER A 278 -7.41 14.24 -30.56
C SER A 278 -5.97 13.88 -30.18
N ILE A 279 -5.04 14.80 -30.47
CA ILE A 279 -3.63 14.69 -30.14
C ILE A 279 -3.26 15.88 -29.24
N LYS A 280 -2.96 15.61 -27.98
CA LYS A 280 -2.56 16.60 -27.01
C LYS A 280 -1.03 16.69 -26.99
N ILE A 281 -0.49 17.91 -27.22
CA ILE A 281 0.96 18.15 -27.18
C ILE A 281 1.24 19.00 -25.96
N TRP A 282 2.07 18.46 -25.05
CA TRP A 282 2.47 19.13 -23.80
C TRP A 282 3.93 19.57 -23.83
N ASP A 283 4.19 20.80 -23.35
CA ASP A 283 5.53 21.36 -23.18
C ASP A 283 5.93 20.88 -21.82
N LEU A 284 6.99 20.08 -21.73
CA LEU A 284 7.42 19.52 -20.45
C LEU A 284 8.01 20.52 -19.45
N GLU A 285 8.41 21.72 -19.92
CA GLU A 285 8.94 22.77 -19.03
C GLU A 285 7.82 23.37 -18.16
N GLY A 286 6.81 23.96 -18.80
CA GLY A 286 5.68 24.57 -18.11
C GLY A 286 4.55 23.63 -17.79
N LYS A 287 4.61 22.41 -18.28
CA LYS A 287 3.60 21.38 -18.06
C LYS A 287 2.26 21.82 -18.54
N ILE A 288 2.27 22.42 -19.71
CA ILE A 288 1.11 23.02 -20.36
C ILE A 288 0.93 22.57 -21.80
N ILE A 289 -0.32 22.56 -22.26
CA ILE A 289 -0.69 22.20 -23.62
C ILE A 289 -0.19 23.25 -24.59
N VAL A 290 0.62 22.80 -25.57
CA VAL A 290 1.19 23.60 -26.65
C VAL A 290 0.11 23.72 -27.74
N ASP A 291 -0.52 22.58 -28.08
CA ASP A 291 -1.56 22.46 -29.10
C ASP A 291 -2.38 21.19 -28.87
N GLU A 292 -3.58 21.15 -29.49
CA GLU A 292 -4.47 20.00 -29.49
C GLU A 292 -5.00 19.80 -30.90
N LEU A 293 -4.56 18.71 -31.53
CA LEU A 293 -4.89 18.41 -32.93
C LEU A 293 -6.11 17.53 -33.08
N LYS A 294 -7.19 18.15 -33.54
CA LYS A 294 -8.48 17.49 -33.73
C LYS A 294 -8.89 17.57 -35.18
N GLN A 295 -9.75 16.65 -35.60
CA GLN A 295 -10.35 16.74 -36.93
C GLN A 295 -11.62 17.59 -36.72
N GLU A 296 -11.57 18.85 -37.12
CA GLU A 296 -12.71 19.75 -36.98
C GLU A 296 -13.18 19.82 -35.54
N ALA A 304 -22.10 8.32 -34.09
CA ALA A 304 -21.86 9.74 -34.38
C ALA A 304 -20.39 10.07 -34.12
N GLU A 305 -19.72 9.18 -33.38
CA GLU A 305 -18.33 9.27 -32.94
C GLU A 305 -17.24 9.51 -34.01
N PRO A 306 -16.35 10.50 -33.75
CA PRO A 306 -15.25 10.77 -34.70
C PRO A 306 -14.16 9.68 -34.71
N PRO A 307 -13.28 9.64 -35.77
CA PRO A 307 -12.21 8.62 -35.77
C PRO A 307 -11.28 8.82 -34.57
N GLN A 308 -10.87 7.69 -33.95
CA GLN A 308 -9.97 7.69 -32.79
C GLN A 308 -8.54 7.59 -33.28
N CYS A 309 -7.62 8.37 -32.66
CA CYS A 309 -6.20 8.30 -33.00
C CYS A 309 -5.56 7.14 -32.22
N THR A 310 -4.90 6.24 -32.94
CA THR A 310 -4.30 5.01 -32.38
C THR A 310 -2.78 5.02 -32.27
N SER A 311 -2.11 5.82 -33.09
CA SER A 311 -0.65 5.83 -33.20
C SER A 311 -0.08 7.18 -33.56
N LEU A 312 1.19 7.41 -33.15
CA LEU A 312 1.93 8.66 -33.40
C LEU A 312 3.39 8.35 -33.68
N ALA A 313 4.00 9.04 -34.66
CA ALA A 313 5.43 8.94 -34.97
C ALA A 313 5.90 10.21 -35.64
N TRP A 314 6.97 10.79 -35.07
CA TRP A 314 7.64 11.97 -35.57
C TRP A 314 8.55 11.59 -36.71
N SER A 315 8.61 12.44 -37.73
CA SER A 315 9.49 12.28 -38.90
C SER A 315 10.95 12.40 -38.46
N ALA A 316 11.88 12.03 -39.38
CA ALA A 316 13.34 12.11 -39.19
C ALA A 316 13.76 13.49 -38.67
N ASP A 317 13.30 14.59 -39.32
CA ASP A 317 13.64 15.99 -38.95
C ASP A 317 12.84 16.60 -37.76
N GLY A 318 11.85 15.88 -37.24
CA GLY A 318 11.02 16.31 -36.10
C GLY A 318 10.10 17.50 -36.36
N GLN A 319 9.72 17.71 -37.65
CA GLN A 319 8.86 18.79 -38.11
C GLN A 319 7.49 18.26 -38.53
N THR A 320 7.37 16.94 -38.69
CA THR A 320 6.15 16.29 -39.12
C THR A 320 5.76 15.19 -38.16
N LEU A 321 4.50 15.22 -37.72
CA LEU A 321 3.96 14.18 -36.86
C LEU A 321 2.93 13.40 -37.66
N PHE A 322 3.20 12.12 -37.86
CA PHE A 322 2.28 11.23 -38.58
C PHE A 322 1.44 10.56 -37.51
N ALA A 323 0.14 10.41 -37.77
CA ALA A 323 -0.80 9.83 -36.82
C ALA A 323 -1.78 8.93 -37.54
N GLY A 324 -2.04 7.78 -36.94
CA GLY A 324 -2.92 6.76 -37.48
C GLY A 324 -4.27 6.81 -36.82
N TYR A 325 -5.34 6.53 -37.60
CA TYR A 325 -6.70 6.61 -37.12
C TYR A 325 -7.54 5.34 -37.38
N THR A 326 -8.71 5.24 -36.71
CA THR A 326 -9.65 4.11 -36.83
C THR A 326 -10.49 4.19 -38.12
N ASP A 327 -10.29 5.26 -38.93
CA ASP A 327 -10.98 5.44 -40.23
C ASP A 327 -10.04 4.97 -41.37
N ASN A 328 -8.92 4.27 -40.99
CA ASN A 328 -7.90 3.68 -41.89
C ASN A 328 -6.89 4.68 -42.47
N LEU A 329 -6.98 5.98 -42.11
CA LEU A 329 -6.11 7.02 -42.65
C LEU A 329 -4.95 7.40 -41.75
N VAL A 330 -3.89 7.88 -42.37
CA VAL A 330 -2.73 8.44 -41.67
C VAL A 330 -2.87 9.93 -41.91
N ARG A 331 -2.89 10.72 -40.84
CA ARG A 331 -2.95 12.19 -40.95
C ARG A 331 -1.59 12.78 -40.69
N VAL A 332 -1.18 13.71 -41.56
CA VAL A 332 0.11 14.39 -41.56
C VAL A 332 -0.04 15.79 -40.92
N TRP A 333 0.57 15.97 -39.73
CA TRP A 333 0.52 17.23 -38.98
C TRP A 333 1.90 17.87 -39.06
N GLN A 334 1.97 19.15 -39.44
CA GLN A 334 3.21 19.84 -39.69
C GLN A 334 3.40 21.03 -38.77
N VAL A 335 4.62 21.18 -38.25
CA VAL A 335 5.00 22.30 -37.37
C VAL A 335 5.04 23.59 -38.21
N THR A 336 4.36 24.63 -37.75
CA THR A 336 4.34 25.96 -38.36
C THR A 336 4.19 27.05 -37.29
N ILE A 337 4.91 28.17 -37.44
CA ILE A 337 4.84 29.31 -36.51
C ILE A 337 3.64 30.21 -36.86
N GLU B 26 1.59 40.26 12.43
CA GLU B 26 0.79 39.04 12.58
C GLU B 26 1.63 37.79 12.89
N GLN B 27 1.69 37.44 14.18
CA GLN B 27 2.45 36.30 14.71
C GLN B 27 1.67 35.60 15.84
N MET B 28 2.30 34.56 16.44
CA MET B 28 1.74 33.73 17.50
C MET B 28 2.62 33.67 18.74
N THR B 29 1.99 33.63 19.92
CA THR B 29 2.68 33.52 21.21
C THR B 29 1.99 32.47 22.08
N LEU B 30 2.76 31.83 22.98
CA LEU B 30 2.24 30.83 23.90
C LEU B 30 1.48 31.56 25.02
N ARG B 31 0.16 31.33 25.11
CA ARG B 31 -0.73 31.93 26.08
C ARG B 31 -0.86 31.06 27.33
N GLY B 32 -0.71 29.76 27.15
CA GLY B 32 -0.84 28.79 28.24
C GLY B 32 -0.75 27.35 27.81
N THR B 33 -1.04 26.45 28.76
CA THR B 33 -0.99 24.99 28.57
C THR B 33 -2.19 24.33 29.26
N LEU B 34 -2.50 23.08 28.90
CA LEU B 34 -3.59 22.33 29.52
C LEU B 34 -3.02 21.02 30.04
N LYS B 35 -2.93 20.89 31.35
CA LYS B 35 -2.40 19.71 32.04
C LYS B 35 -3.55 18.87 32.58
N GLY B 36 -3.48 17.57 32.36
CA GLY B 36 -4.49 16.62 32.81
C GLY B 36 -4.20 15.20 32.33
N HIS B 37 -3.89 15.07 31.02
CA HIS B 37 -3.58 13.78 30.39
C HIS B 37 -2.32 13.14 31.01
N ASN B 38 -2.30 11.80 31.02
CA ASN B 38 -1.19 11.00 31.56
C ASN B 38 -0.39 10.29 30.46
N GLY B 39 -0.82 10.51 29.23
CA GLY B 39 -0.19 9.99 28.02
C GLY B 39 -0.23 11.04 26.93
N TRP B 40 0.43 10.79 25.80
CA TRP B 40 0.48 11.69 24.64
C TRP B 40 -0.89 12.20 24.27
N VAL B 41 -0.98 13.48 23.88
CA VAL B 41 -2.22 14.04 23.36
C VAL B 41 -2.14 13.66 21.88
N THR B 42 -3.16 12.99 21.35
CA THR B 42 -3.14 12.48 19.97
C THR B 42 -3.95 13.33 19.03
N GLN B 43 -4.99 14.00 19.55
CA GLN B 43 -5.89 14.85 18.76
C GLN B 43 -6.58 15.90 19.64
N ILE B 44 -7.01 16.98 19.00
CA ILE B 44 -7.76 18.09 19.60
C ILE B 44 -8.95 18.42 18.70
N ALA B 45 -10.11 18.63 19.30
CA ALA B 45 -11.32 18.99 18.57
C ALA B 45 -11.96 20.23 19.22
N THR B 46 -12.44 21.17 18.41
CA THR B 46 -13.11 22.39 18.92
C THR B 46 -14.53 22.48 18.34
N THR B 47 -15.39 23.35 18.90
CA THR B 47 -16.76 23.53 18.39
C THR B 47 -17.20 24.97 18.43
N PRO B 48 -17.76 25.51 17.30
CA PRO B 48 -18.22 26.91 17.28
C PRO B 48 -19.30 27.29 18.30
N GLN B 49 -20.16 26.31 18.70
CA GLN B 49 -21.25 26.49 19.69
C GLN B 49 -20.75 26.66 21.11
N PHE B 50 -19.60 26.05 21.44
CA PHE B 50 -19.08 26.10 22.80
C PHE B 50 -17.64 26.60 22.78
N PRO B 51 -17.42 27.92 22.61
CA PRO B 51 -16.03 28.42 22.52
C PRO B 51 -15.16 28.22 23.77
N ASP B 52 -15.79 27.98 24.92
CA ASP B 52 -15.11 27.76 26.20
C ASP B 52 -14.92 26.26 26.46
N MET B 53 -15.21 25.43 25.45
CA MET B 53 -15.07 23.98 25.59
C MET B 53 -14.32 23.37 24.42
N ILE B 54 -13.31 22.55 24.72
CA ILE B 54 -12.52 21.82 23.74
C ILE B 54 -12.31 20.37 24.20
N LEU B 55 -12.11 19.45 23.24
CA LEU B 55 -11.85 18.04 23.54
C LEU B 55 -10.47 17.66 23.09
N SER B 56 -9.83 16.76 23.87
CA SER B 56 -8.52 16.22 23.55
C SER B 56 -8.49 14.71 23.73
N ALA B 57 -7.92 14.00 22.75
CA ALA B 57 -7.76 12.55 22.74
C ALA B 57 -6.36 12.23 23.19
N SER B 58 -6.18 11.10 23.89
CA SER B 58 -4.87 10.75 24.42
C SER B 58 -4.57 9.28 24.39
N ARG B 59 -3.30 8.97 24.55
CA ARG B 59 -2.83 7.61 24.67
C ARG B 59 -3.18 7.08 26.06
N ASP B 60 -3.60 7.97 26.99
CA ASP B 60 -4.03 7.55 28.34
C ASP B 60 -5.42 6.87 28.32
N LYS B 61 -5.96 6.62 27.10
CA LYS B 61 -7.26 5.96 26.77
C LYS B 61 -8.48 6.84 27.03
N THR B 62 -8.28 8.12 27.32
CA THR B 62 -9.39 9.02 27.58
C THR B 62 -9.42 10.20 26.62
N ILE B 63 -10.55 10.89 26.61
CA ILE B 63 -10.80 12.15 25.93
C ILE B 63 -11.15 13.07 27.07
N ILE B 64 -10.46 14.20 27.19
CA ILE B 64 -10.77 15.17 28.22
C ILE B 64 -11.58 16.31 27.64
N MET B 65 -12.64 16.68 28.37
CA MET B 65 -13.49 17.82 28.11
C MET B 65 -12.91 18.98 28.92
N TRP B 66 -12.42 20.02 28.24
CA TRP B 66 -11.82 21.14 28.97
C TRP B 66 -12.79 22.31 29.07
N LYS B 67 -12.71 23.04 30.18
CA LYS B 67 -13.47 24.24 30.41
C LYS B 67 -12.43 25.35 30.34
N LEU B 68 -12.54 26.15 29.30
CA LEU B 68 -11.59 27.18 29.02
C LEU B 68 -11.94 28.35 29.90
N THR B 69 -11.09 28.63 30.86
CA THR B 69 -11.32 29.73 31.76
C THR B 69 -10.29 30.84 31.59
N ARG B 70 -9.25 30.57 30.81
CA ARG B 70 -8.20 31.54 30.56
C ARG B 70 -7.72 32.50 31.63
N ASP B 71 -7.32 31.95 32.78
CA ASP B 71 -6.94 32.77 33.93
C ASP B 71 -5.46 33.09 34.12
N GLU B 72 -5.16 33.64 35.30
CA GLU B 72 -3.82 34.02 35.70
C GLU B 72 -2.91 32.81 35.94
N THR B 73 -3.50 31.62 35.82
CA THR B 73 -2.75 30.39 36.02
C THR B 73 -3.07 29.13 35.24
N ASN B 74 -4.32 29.00 34.81
CA ASN B 74 -4.76 27.84 34.04
C ASN B 74 -5.74 28.33 32.98
N TYR B 75 -5.34 28.23 31.72
CA TYR B 75 -6.16 28.67 30.64
C TYR B 75 -7.41 27.87 30.72
N GLY B 76 -7.28 26.68 31.28
CA GLY B 76 -8.31 25.68 31.27
C GLY B 76 -8.11 24.60 32.27
N ILE B 77 -9.16 23.85 32.47
CA ILE B 77 -9.37 22.99 33.59
C ILE B 77 -10.09 21.78 33.02
N PRO B 78 -9.70 20.58 33.39
CA PRO B 78 -10.46 19.40 32.93
C PRO B 78 -11.86 19.39 33.57
N GLN B 79 -12.90 19.44 32.72
CA GLN B 79 -14.30 19.46 33.14
C GLN B 79 -14.80 18.04 33.36
N ARG B 80 -14.52 17.15 32.38
CA ARG B 80 -14.90 15.74 32.41
C ARG B 80 -13.91 14.84 31.59
N ALA B 81 -13.72 13.61 32.04
CA ALA B 81 -12.88 12.63 31.36
C ALA B 81 -13.78 11.56 30.78
N LEU B 82 -13.71 11.38 29.47
CA LEU B 82 -14.50 10.38 28.75
C LEU B 82 -13.72 9.05 28.70
N ARG B 83 -14.17 8.06 29.48
CA ARG B 83 -13.54 6.74 29.62
C ARG B 83 -14.40 5.65 28.99
N GLY B 84 -13.74 4.63 28.41
CA GLY B 84 -14.44 3.53 27.77
C GLY B 84 -13.60 2.71 26.82
N HIS B 85 -12.73 3.38 26.03
CA HIS B 85 -11.80 2.74 25.10
C HIS B 85 -10.75 1.97 25.90
N SER B 86 -10.39 0.77 25.42
CA SER B 86 -9.45 -0.11 26.11
C SER B 86 -7.99 0.01 25.62
N HIS B 87 -7.70 1.06 24.83
CA HIS B 87 -6.38 1.36 24.26
C HIS B 87 -6.34 2.84 23.84
N PHE B 88 -5.16 3.32 23.37
CA PHE B 88 -4.95 4.71 22.91
C PHE B 88 -6.12 5.26 22.08
N VAL B 89 -6.55 6.51 22.37
CA VAL B 89 -7.55 7.23 21.55
C VAL B 89 -6.69 7.92 20.47
N SER B 90 -6.98 7.66 19.17
CA SER B 90 -6.19 8.19 18.05
C SER B 90 -6.78 9.46 17.40
N ASP B 91 -8.11 9.58 17.41
CA ASP B 91 -8.79 10.71 16.78
C ASP B 91 -10.07 11.03 17.54
N VAL B 92 -10.47 12.31 17.53
CA VAL B 92 -11.70 12.82 18.15
C VAL B 92 -12.23 13.98 17.30
N VAL B 93 -13.56 14.03 17.11
CA VAL B 93 -14.25 15.11 16.38
C VAL B 93 -15.56 15.39 17.13
N ILE B 94 -16.03 16.64 17.08
CA ILE B 94 -17.27 17.09 17.73
C ILE B 94 -18.39 17.27 16.67
N SER B 95 -19.64 17.01 17.05
CA SER B 95 -20.76 17.19 16.14
C SER B 95 -21.00 18.70 15.89
N SER B 96 -21.66 19.07 14.78
CA SER B 96 -21.95 20.48 14.44
C SER B 96 -22.68 21.27 15.52
N ASP B 97 -23.54 20.60 16.31
CA ASP B 97 -24.29 21.26 17.40
C ASP B 97 -23.46 21.34 18.69
N GLY B 98 -22.32 20.64 18.71
CA GLY B 98 -21.39 20.63 19.83
C GLY B 98 -21.85 19.77 20.98
N GLN B 99 -22.91 18.97 20.76
CA GLN B 99 -23.53 18.09 21.76
C GLN B 99 -22.88 16.72 21.86
N PHE B 100 -22.24 16.24 20.79
CA PHE B 100 -21.63 14.92 20.75
C PHE B 100 -20.21 14.91 20.27
N ALA B 101 -19.47 13.86 20.66
CA ALA B 101 -18.11 13.61 20.19
C ALA B 101 -18.04 12.21 19.55
N LEU B 102 -17.17 12.06 18.57
CA LEU B 102 -16.91 10.79 17.91
C LEU B 102 -15.43 10.53 18.05
N SER B 103 -15.08 9.43 18.68
CA SER B 103 -13.68 9.05 18.82
C SER B 103 -13.40 7.72 18.13
N GLY B 104 -12.12 7.47 17.83
CA GLY B 104 -11.61 6.23 17.27
C GLY B 104 -10.50 5.77 18.18
N SER B 105 -10.32 4.46 18.33
CA SER B 105 -9.27 3.96 19.22
C SER B 105 -8.47 2.79 18.65
N TRP B 106 -7.27 2.54 19.25
CA TRP B 106 -6.44 1.39 18.89
C TRP B 106 -7.12 0.09 19.35
N ASP B 107 -8.23 0.19 20.12
CA ASP B 107 -9.06 -0.96 20.52
C ASP B 107 -9.88 -1.51 19.31
N GLY B 108 -9.75 -0.83 18.16
CA GLY B 108 -10.41 -1.18 16.91
C GLY B 108 -11.85 -0.77 16.83
N THR B 109 -12.32 0.17 17.70
CA THR B 109 -13.72 0.63 17.70
C THR B 109 -13.84 2.18 17.59
N LEU B 110 -15.07 2.66 17.34
CA LEU B 110 -15.40 4.08 17.34
C LEU B 110 -16.40 4.16 18.47
N ARG B 111 -16.53 5.36 19.04
CA ARG B 111 -17.49 5.64 20.09
C ARG B 111 -18.12 6.99 19.90
N LEU B 112 -19.45 7.05 20.09
CA LEU B 112 -20.22 8.28 20.06
C LEU B 112 -20.44 8.63 21.52
N TRP B 113 -20.17 9.85 21.89
CA TRP B 113 -20.30 10.28 23.27
C TRP B 113 -21.28 11.44 23.39
N ASP B 114 -22.14 11.37 24.39
CA ASP B 114 -23.05 12.46 24.69
C ASP B 114 -22.21 13.33 25.62
N LEU B 115 -21.95 14.59 25.20
CA LEU B 115 -21.12 15.50 25.98
C LEU B 115 -21.72 15.96 27.32
N THR B 116 -23.06 16.14 27.40
CA THR B 116 -23.73 16.53 28.63
C THR B 116 -23.62 15.45 29.74
N THR B 117 -23.86 14.17 29.40
CA THR B 117 -23.78 13.05 30.35
C THR B 117 -22.36 12.50 30.50
N GLY B 118 -21.54 12.65 29.47
CA GLY B 118 -20.17 12.14 29.42
C GLY B 118 -20.13 10.63 29.26
N THR B 119 -21.15 10.09 28.61
CA THR B 119 -21.35 8.65 28.41
C THR B 119 -21.29 8.22 26.93
N THR B 120 -20.90 6.97 26.67
CA THR B 120 -20.91 6.44 25.32
C THR B 120 -22.34 6.05 25.04
N THR B 121 -22.88 6.56 23.92
CA THR B 121 -24.24 6.26 23.50
C THR B 121 -24.20 5.15 22.44
N ARG B 122 -23.04 4.97 21.80
CA ARG B 122 -22.89 4.01 20.70
C ARG B 122 -21.46 3.56 20.51
N ARG B 123 -21.27 2.24 20.31
CA ARG B 123 -19.99 1.64 19.98
C ARG B 123 -20.05 1.20 18.51
N PHE B 124 -18.99 1.47 17.72
CA PHE B 124 -18.94 1.08 16.33
C PHE B 124 -17.98 -0.11 16.19
N VAL B 125 -18.55 -1.31 16.01
CA VAL B 125 -17.78 -2.54 15.90
C VAL B 125 -17.85 -3.02 14.48
N GLY B 126 -16.68 -3.24 13.87
CA GLY B 126 -16.58 -3.69 12.48
C GLY B 126 -15.16 -3.79 12.03
N HIS B 127 -14.37 -2.75 12.33
CA HIS B 127 -12.93 -2.75 12.02
C HIS B 127 -12.27 -3.93 12.75
N THR B 128 -11.33 -4.58 12.07
CA THR B 128 -10.61 -5.75 12.59
C THR B 128 -9.23 -5.39 13.15
N LYS B 129 -8.78 -4.15 12.96
CA LYS B 129 -7.53 -3.68 13.52
C LYS B 129 -7.77 -2.29 14.08
N ASP B 130 -6.71 -1.68 14.67
CA ASP B 130 -6.70 -0.33 15.25
C ASP B 130 -7.36 0.66 14.36
N VAL B 131 -8.12 1.60 14.93
CA VAL B 131 -8.78 2.68 14.21
C VAL B 131 -7.88 3.87 14.38
N LEU B 132 -7.48 4.45 13.23
CA LEU B 132 -6.51 5.58 13.20
C LEU B 132 -7.11 6.93 12.90
N SER B 133 -8.34 6.96 12.41
CA SER B 133 -8.98 8.23 12.02
C SER B 133 -10.49 8.11 11.97
N VAL B 134 -11.18 9.19 12.36
CA VAL B 134 -12.62 9.30 12.36
C VAL B 134 -13.01 10.66 11.80
N ALA B 135 -14.22 10.75 11.23
CA ALA B 135 -14.76 12.00 10.71
C ALA B 135 -16.28 11.93 10.54
N PHE B 136 -16.96 13.07 10.77
CA PHE B 136 -18.39 13.28 10.57
C PHE B 136 -18.53 14.01 9.25
N SER B 137 -19.56 13.70 8.46
CA SER B 137 -19.87 14.46 7.24
C SER B 137 -20.46 15.81 7.72
N SER B 138 -20.50 16.81 6.84
CA SER B 138 -21.01 18.14 7.20
C SER B 138 -22.43 18.11 7.84
N ASP B 139 -23.33 17.27 7.30
CA ASP B 139 -24.69 17.14 7.83
C ASP B 139 -24.75 16.25 9.08
N ASN B 140 -23.62 15.61 9.43
CA ASN B 140 -23.49 14.71 10.59
C ASN B 140 -24.28 13.37 10.49
N ARG B 141 -24.77 13.01 9.30
CA ARG B 141 -25.53 11.80 9.08
C ARG B 141 -24.65 10.61 8.80
N GLN B 142 -23.43 10.88 8.30
CA GLN B 142 -22.47 9.88 7.90
C GLN B 142 -21.20 9.99 8.70
N ILE B 143 -20.56 8.83 8.91
CA ILE B 143 -19.31 8.67 9.63
C ILE B 143 -18.32 7.82 8.80
N VAL B 144 -17.04 8.24 8.73
CA VAL B 144 -15.94 7.52 8.12
C VAL B 144 -14.89 7.18 9.13
N SER B 145 -14.22 6.05 8.90
CA SER B 145 -13.13 5.58 9.72
C SER B 145 -12.08 4.95 8.81
N GLY B 146 -10.82 5.04 9.28
CA GLY B 146 -9.64 4.46 8.66
C GLY B 146 -8.96 3.60 9.71
N SER B 147 -8.52 2.41 9.34
CA SER B 147 -7.92 1.48 10.28
C SER B 147 -6.58 0.90 9.81
N ARG B 148 -5.89 0.18 10.72
CA ARG B 148 -4.69 -0.56 10.37
C ARG B 148 -5.06 -1.79 9.49
N ASP B 149 -6.36 -2.18 9.42
CA ASP B 149 -6.87 -3.32 8.63
C ASP B 149 -6.92 -2.98 7.16
N LYS B 150 -6.44 -1.77 6.79
CA LYS B 150 -6.30 -1.24 5.40
C LYS B 150 -7.64 -0.93 4.72
N THR B 151 -8.69 -0.69 5.51
CA THR B 151 -10.00 -0.37 4.96
C THR B 151 -10.47 0.94 5.44
N ILE B 152 -11.46 1.45 4.72
CA ILE B 152 -12.17 2.67 5.02
C ILE B 152 -13.62 2.22 5.18
N LYS B 153 -14.22 2.55 6.33
CA LYS B 153 -15.61 2.19 6.58
C LYS B 153 -16.53 3.40 6.68
N LEU B 154 -17.70 3.28 6.07
CA LEU B 154 -18.77 4.26 6.10
C LEU B 154 -19.83 3.70 7.03
N TRP B 155 -20.31 4.54 7.96
CA TRP B 155 -21.29 4.13 8.96
C TRP B 155 -22.39 5.19 9.05
N ASN B 156 -23.52 4.81 9.66
CA ASN B 156 -24.56 5.75 10.02
C ASN B 156 -24.31 6.07 11.52
N THR B 157 -25.17 6.89 12.14
CA THR B 157 -25.04 7.29 13.56
C THR B 157 -25.49 6.20 14.52
N LEU B 158 -25.98 5.06 14.02
CA LEU B 158 -26.44 3.93 14.84
C LEU B 158 -25.43 2.79 14.95
N GLY B 159 -24.21 3.01 14.46
CA GLY B 159 -23.12 2.03 14.52
C GLY B 159 -23.16 0.95 13.47
N VAL B 160 -24.00 1.13 12.44
CA VAL B 160 -24.16 0.16 11.35
C VAL B 160 -23.18 0.53 10.23
N CYS B 161 -22.31 -0.42 9.81
CA CYS B 161 -21.38 -0.23 8.70
C CYS B 161 -22.18 -0.41 7.40
N LYS B 162 -22.26 0.67 6.63
CA LYS B 162 -23.02 0.77 5.38
C LYS B 162 -22.17 0.38 4.18
N TYR B 163 -20.87 0.64 4.28
CA TYR B 163 -19.93 0.37 3.20
C TYR B 163 -18.52 0.20 3.74
N THR B 164 -17.79 -0.76 3.16
CA THR B 164 -16.37 -1.02 3.41
C THR B 164 -15.64 -0.87 2.07
N VAL B 165 -14.71 0.08 2.03
CA VAL B 165 -13.85 0.36 0.87
C VAL B 165 -12.58 -0.49 1.12
N GLN B 166 -12.67 -1.80 0.82
CA GLN B 166 -11.61 -2.79 1.05
C GLN B 166 -10.86 -3.17 -0.22
C ASP B 167 -10.11 -2.50 -3.63
N GLU B 168 -10.33 -1.26 -4.11
CA GLU B 168 -9.24 -0.44 -4.63
C GLU B 168 -8.61 0.55 -3.58
N SER B 169 -8.71 0.17 -2.27
CA SER B 169 -8.17 0.92 -1.12
C SER B 169 -6.63 0.97 -1.10
N HIS B 170 -6.11 1.50 -0.02
CA HIS B 170 -4.69 1.57 0.24
C HIS B 170 -4.19 0.12 0.46
N SER B 171 -2.98 -0.17 -0.02
CA SER B 171 -2.41 -1.51 0.16
C SER B 171 -1.74 -1.63 1.55
N GLU B 172 -1.84 -0.57 2.36
CA GLU B 172 -1.27 -0.53 3.71
C GLU B 172 -2.27 0.15 4.64
N TRP B 173 -1.87 0.41 5.90
CA TRP B 173 -2.66 1.08 6.90
C TRP B 173 -3.25 2.41 6.33
N VAL B 174 -4.47 2.73 6.75
CA VAL B 174 -5.19 3.96 6.40
C VAL B 174 -5.06 4.80 7.68
N SER B 175 -4.27 5.86 7.60
CA SER B 175 -3.97 6.68 8.78
C SER B 175 -4.90 7.88 8.96
N CYS B 176 -5.50 8.37 7.86
CA CYS B 176 -6.37 9.55 7.91
C CYS B 176 -7.48 9.51 6.87
N VAL B 177 -8.71 9.85 7.30
CA VAL B 177 -9.89 9.93 6.43
C VAL B 177 -10.61 11.24 6.75
N ARG B 178 -10.88 12.07 5.72
CA ARG B 178 -11.58 13.34 5.90
C ARG B 178 -12.62 13.57 4.81
N PHE B 179 -13.76 14.19 5.17
CA PHE B 179 -14.78 14.60 4.21
C PHE B 179 -14.41 15.97 3.64
N SER B 180 -14.89 16.27 2.43
CA SER B 180 -14.69 17.60 1.89
C SER B 180 -15.95 18.39 2.17
N PRO B 181 -15.87 19.69 2.50
CA PRO B 181 -17.12 20.46 2.76
C PRO B 181 -17.89 20.88 1.49
N ASN B 182 -17.29 20.69 0.30
CA ASN B 182 -17.90 21.02 -0.99
C ASN B 182 -18.94 19.95 -1.38
N SER B 183 -20.22 20.35 -1.44
CA SER B 183 -21.34 19.47 -1.79
C SER B 183 -21.47 19.17 -3.27
N SER B 184 -20.83 19.95 -4.15
CA SER B 184 -20.96 19.73 -5.61
C SER B 184 -20.07 18.59 -6.06
N ASN B 185 -19.00 18.37 -5.32
CA ASN B 185 -18.01 17.34 -5.56
C ASN B 185 -18.02 16.42 -4.30
N PRO B 186 -19.07 15.57 -4.09
CA PRO B 186 -19.13 14.78 -2.85
C PRO B 186 -17.94 13.84 -2.79
N ILE B 187 -17.03 14.13 -1.87
CA ILE B 187 -15.76 13.44 -1.75
C ILE B 187 -15.26 13.17 -0.34
N ILE B 188 -14.52 12.06 -0.21
CA ILE B 188 -13.74 11.69 0.97
C ILE B 188 -12.28 11.57 0.52
N VAL B 189 -11.37 12.11 1.34
CA VAL B 189 -9.95 12.08 1.06
C VAL B 189 -9.26 11.16 2.10
N SER B 190 -8.33 10.34 1.65
CA SER B 190 -7.60 9.48 2.58
C SER B 190 -6.12 9.38 2.23
N CYS B 191 -5.32 9.04 3.22
CA CYS B 191 -3.90 8.81 3.01
C CYS B 191 -3.52 7.57 3.79
N GLY B 192 -2.42 6.96 3.41
CA GLY B 192 -1.99 5.75 4.07
C GLY B 192 -0.51 5.51 4.06
N TRP B 193 -0.12 4.35 4.60
CA TRP B 193 1.28 3.92 4.67
C TRP B 193 1.79 3.40 3.32
N ASP B 194 0.90 3.38 2.30
CA ASP B 194 1.23 3.04 0.93
C ASP B 194 1.76 4.28 0.17
N LYS B 195 1.94 5.42 0.87
CA LYS B 195 2.48 6.70 0.36
C LYS B 195 1.51 7.41 -0.59
N LEU B 196 0.26 6.96 -0.62
CA LEU B 196 -0.72 7.54 -1.52
C LEU B 196 -1.76 8.36 -0.85
N VAL B 197 -2.27 9.34 -1.58
CA VAL B 197 -3.41 10.16 -1.22
C VAL B 197 -4.47 9.73 -2.20
N LYS B 198 -5.61 9.28 -1.67
CA LYS B 198 -6.74 8.83 -2.48
C LYS B 198 -7.94 9.74 -2.28
N VAL B 199 -8.58 10.13 -3.40
CA VAL B 199 -9.79 10.92 -3.43
C VAL B 199 -10.90 9.95 -3.89
N TRP B 200 -11.95 9.85 -3.09
CA TRP B 200 -13.07 8.92 -3.37
C TRP B 200 -14.34 9.64 -3.66
N ASN B 201 -15.12 9.14 -4.63
CA ASN B 201 -16.45 9.73 -4.91
C ASN B 201 -17.38 9.16 -3.83
N LEU B 202 -17.90 10.03 -2.97
CA LEU B 202 -18.77 9.70 -1.84
C LEU B 202 -20.09 9.00 -2.22
N ALA B 203 -20.65 9.29 -3.41
CA ALA B 203 -21.91 8.70 -3.88
C ALA B 203 -21.84 7.17 -4.08
N ASN B 204 -20.81 6.68 -4.78
CA ASN B 204 -20.63 5.25 -5.08
C ASN B 204 -19.46 4.59 -4.35
N CYS B 205 -18.67 5.35 -3.58
CA CYS B 205 -17.48 4.92 -2.85
C CYS B 205 -16.37 4.32 -3.72
N LYS B 206 -16.29 4.79 -4.97
CA LYS B 206 -15.30 4.37 -5.94
C LYS B 206 -14.18 5.40 -6.06
N LEU B 207 -12.95 4.91 -6.24
CA LEU B 207 -11.75 5.71 -6.43
C LEU B 207 -11.89 6.73 -7.57
N LYS B 208 -11.58 7.99 -7.26
CA LYS B 208 -11.62 9.06 -8.23
C LYS B 208 -10.20 9.32 -8.71
N THR B 209 -9.25 9.48 -7.77
CA THR B 209 -7.87 9.85 -8.08
C THR B 209 -6.88 9.25 -7.10
N ASN B 210 -5.70 8.90 -7.61
CA ASN B 210 -4.56 8.49 -6.82
C ASN B 210 -3.60 9.69 -6.93
N HIS B 211 -3.15 10.20 -5.79
CA HIS B 211 -2.19 11.28 -5.81
C HIS B 211 -0.83 10.74 -5.36
N ILE B 212 0.05 10.53 -6.34
CA ILE B 212 1.41 9.98 -6.22
C ILE B 212 2.35 11.15 -6.09
N GLY B 213 3.43 10.94 -5.33
CA GLY B 213 4.42 12.00 -5.12
C GLY B 213 5.24 11.80 -3.87
N HIS B 214 4.57 11.44 -2.76
CA HIS B 214 5.22 11.20 -1.47
C HIS B 214 6.21 10.02 -1.53
N THR B 215 7.33 10.12 -0.81
CA THR B 215 8.38 9.09 -0.78
C THR B 215 8.36 8.29 0.50
N GLY B 216 7.54 8.72 1.45
CA GLY B 216 7.37 8.03 2.73
C GLY B 216 5.90 7.87 3.11
N TYR B 217 5.64 7.08 4.16
CA TYR B 217 4.29 6.87 4.68
C TYR B 217 3.60 8.22 5.02
N LEU B 218 2.27 8.21 4.99
CA LEU B 218 1.47 9.39 5.27
C LEU B 218 0.73 9.28 6.58
N ASN B 219 0.74 10.38 7.33
CA ASN B 219 0.12 10.46 8.65
C ASN B 219 -1.17 11.24 8.62
N THR B 220 -1.27 12.21 7.73
CA THR B 220 -2.38 13.17 7.75
C THR B 220 -2.79 13.76 6.40
N VAL B 221 -4.06 14.11 6.30
CA VAL B 221 -4.70 14.82 5.18
C VAL B 221 -5.68 15.81 5.76
N THR B 222 -5.75 16.99 5.14
CA THR B 222 -6.67 18.02 5.56
C THR B 222 -7.25 18.69 4.34
N VAL B 223 -8.50 19.13 4.46
CA VAL B 223 -9.24 19.79 3.39
C VAL B 223 -9.55 21.24 3.77
N SER B 224 -9.27 22.18 2.86
CA SER B 224 -9.51 23.62 3.07
C SER B 224 -11.00 23.87 3.26
N PRO B 225 -11.40 24.99 3.94
CA PRO B 225 -12.84 25.27 4.12
C PRO B 225 -13.73 25.34 2.85
N ASP B 226 -13.16 25.65 1.67
CA ASP B 226 -13.93 25.71 0.42
C ASP B 226 -13.89 24.37 -0.36
N GLY B 227 -13.14 23.41 0.16
CA GLY B 227 -13.00 22.06 -0.42
C GLY B 227 -12.27 21.99 -1.75
N SER B 228 -11.50 23.04 -2.09
CA SER B 228 -10.71 23.12 -3.30
C SER B 228 -9.30 22.61 -3.05
N LEU B 229 -8.79 22.74 -1.83
CA LEU B 229 -7.43 22.31 -1.47
C LEU B 229 -7.41 21.14 -0.51
N CYS B 230 -6.38 20.33 -0.65
CA CYS B 230 -6.05 19.20 0.22
C CYS B 230 -4.55 19.23 0.46
N ALA B 231 -4.12 19.17 1.71
CA ALA B 231 -2.71 19.11 2.10
C ALA B 231 -2.46 17.75 2.75
N SER B 232 -1.39 17.06 2.30
CA SER B 232 -1.00 15.74 2.80
C SER B 232 0.38 15.81 3.39
N GLY B 233 0.68 14.95 4.34
CA GLY B 233 1.97 14.92 5.00
C GLY B 233 2.20 13.70 5.87
N GLY B 234 3.47 13.45 6.13
CA GLY B 234 3.92 12.30 6.91
C GLY B 234 5.42 12.28 6.99
N LYS B 235 5.99 11.06 6.88
CA LYS B 235 7.40 10.75 6.97
C LYS B 235 8.38 11.63 6.18
N ASP B 236 8.16 11.82 4.85
CA ASP B 236 9.08 12.58 3.99
C ASP B 236 9.24 14.09 4.35
N GLY B 237 8.38 14.60 5.23
CA GLY B 237 8.41 15.98 5.68
C GLY B 237 7.94 17.05 4.70
N GLN B 238 7.39 16.64 3.56
CA GLN B 238 6.88 17.56 2.53
C GLN B 238 5.36 17.69 2.63
N ALA B 239 4.86 18.95 2.69
CA ALA B 239 3.43 19.21 2.73
C ALA B 239 3.02 19.42 1.30
N MET B 240 2.28 18.45 0.72
CA MET B 240 1.87 18.55 -0.68
C MET B 240 0.47 19.06 -0.81
N LEU B 241 0.29 20.05 -1.67
CA LEU B 241 -1.02 20.65 -1.94
C LEU B 241 -1.60 20.14 -3.23
N TRP B 242 -2.84 19.64 -3.13
CA TRP B 242 -3.58 19.05 -4.24
C TRP B 242 -4.87 19.82 -4.47
N ASP B 243 -5.22 20.04 -5.76
CA ASP B 243 -6.47 20.69 -6.12
C ASP B 243 -7.54 19.62 -6.27
N LEU B 244 -8.56 19.64 -5.38
CA LEU B 244 -9.69 18.69 -5.39
C LEU B 244 -10.67 18.87 -6.55
N ASN B 245 -10.77 20.11 -7.11
CA ASN B 245 -11.66 20.37 -8.24
C ASN B 245 -11.05 19.88 -9.55
N GLU B 246 -9.75 20.15 -9.75
CA GLU B 246 -9.01 19.79 -10.96
C GLU B 246 -8.35 18.38 -10.94
N GLY B 247 -8.11 17.82 -9.75
CA GLY B 247 -7.48 16.52 -9.57
C GLY B 247 -6.00 16.56 -9.92
N LYS B 248 -5.33 17.63 -9.51
CA LYS B 248 -3.91 17.88 -9.84
C LYS B 248 -3.10 18.39 -8.65
N HIS B 249 -1.82 18.07 -8.65
CA HIS B 249 -0.85 18.56 -7.68
C HIS B 249 -0.66 20.06 -7.95
N LEU B 250 -0.57 20.87 -6.89
CA LEU B 250 -0.41 22.30 -7.03
C LEU B 250 1.02 22.72 -6.76
N TYR B 251 1.50 22.48 -5.52
CA TYR B 251 2.85 22.81 -5.08
C TYR B 251 3.15 22.05 -3.80
N THR B 252 4.43 22.08 -3.39
CA THR B 252 4.85 21.43 -2.14
C THR B 252 5.61 22.41 -1.27
N LEU B 253 5.39 22.31 0.04
CA LEU B 253 6.06 23.14 1.04
C LEU B 253 6.93 22.25 1.90
N ASP B 254 8.16 22.66 2.12
CA ASP B 254 9.10 21.91 2.91
C ASP B 254 8.88 22.11 4.41
N GLY B 255 8.42 21.03 5.07
CA GLY B 255 8.21 21.01 6.51
C GLY B 255 9.48 20.78 7.30
N GLY B 256 10.51 20.23 6.64
CA GLY B 256 11.82 19.96 7.23
C GLY B 256 11.88 19.06 8.45
N ASP B 257 10.83 18.25 8.67
CA ASP B 257 10.68 17.29 9.76
C ASP B 257 9.44 16.44 9.50
N ILE B 258 9.29 15.28 10.16
CA ILE B 258 8.10 14.44 9.99
C ILE B 258 6.85 15.29 10.25
N ILE B 259 5.85 15.22 9.34
CA ILE B 259 4.57 15.93 9.52
C ILE B 259 3.63 14.98 10.25
N ASN B 260 3.22 15.38 11.45
CA ASN B 260 2.32 14.61 12.30
C ASN B 260 0.88 15.02 12.19
N ALA B 261 0.63 16.27 11.78
CA ALA B 261 -0.71 16.84 11.70
C ALA B 261 -0.73 18.05 10.81
N LEU B 262 -1.87 18.25 10.13
CA LEU B 262 -2.14 19.37 9.23
C LEU B 262 -3.54 19.91 9.47
N CYS B 263 -3.69 21.21 9.31
CA CYS B 263 -4.98 21.92 9.38
C CYS B 263 -4.81 23.25 8.71
N PHE B 264 -5.86 23.69 8.04
CA PHE B 264 -5.93 25.01 7.45
C PHE B 264 -6.60 25.87 8.51
N SER B 265 -6.29 27.16 8.49
CA SER B 265 -6.92 28.10 9.40
C SER B 265 -8.40 28.26 8.95
N PRO B 266 -9.37 28.40 9.88
CA PRO B 266 -10.77 28.54 9.44
C PRO B 266 -11.09 29.92 8.85
N ASN B 267 -10.33 30.96 9.26
CA ASN B 267 -10.54 32.38 8.93
C ASN B 267 -9.37 33.08 8.24
N ARG B 268 -8.29 32.33 7.90
CA ARG B 268 -7.08 32.85 7.24
C ARG B 268 -6.60 31.89 6.15
N TYR B 269 -5.87 32.42 5.17
CA TYR B 269 -5.28 31.67 4.05
C TYR B 269 -3.93 31.07 4.51
N TRP B 270 -3.98 30.29 5.61
CA TRP B 270 -2.86 29.67 6.31
C TRP B 270 -2.95 28.17 6.35
N LEU B 271 -1.79 27.49 6.20
CA LEU B 271 -1.65 26.05 6.36
C LEU B 271 -0.72 25.83 7.56
N CYS B 272 -1.20 25.05 8.54
CA CYS B 272 -0.45 24.76 9.76
C CYS B 272 0.00 23.29 9.76
N ALA B 273 1.29 23.04 10.02
CA ALA B 273 1.85 21.68 10.08
C ALA B 273 2.57 21.41 11.36
N ALA B 274 2.26 20.30 12.03
CA ALA B 274 2.97 19.86 13.25
C ALA B 274 4.18 19.08 12.72
N THR B 275 5.31 19.79 12.53
CA THR B 275 6.56 19.23 11.99
C THR B 275 7.53 18.91 13.11
N GLY B 276 7.55 17.65 13.54
CA GLY B 276 8.39 17.17 14.63
C GLY B 276 8.05 17.92 15.92
N PRO B 277 9.02 18.70 16.51
CA PRO B 277 8.71 19.43 17.75
C PRO B 277 8.08 20.82 17.58
N SER B 278 8.12 21.37 16.34
CA SER B 278 7.61 22.72 16.05
C SER B 278 6.32 22.74 15.23
N ILE B 279 5.73 23.94 15.10
CA ILE B 279 4.53 24.19 14.29
C ILE B 279 4.90 25.24 13.25
N LYS B 280 4.88 24.83 11.98
CA LYS B 280 5.16 25.70 10.84
C LYS B 280 3.85 26.24 10.30
N ILE B 281 3.74 27.57 10.22
CA ILE B 281 2.55 28.24 9.66
C ILE B 281 2.97 28.88 8.35
N TRP B 282 2.29 28.47 7.25
CA TRP B 282 2.55 28.95 5.90
C TRP B 282 1.40 29.80 5.38
N ASP B 283 1.75 30.93 4.73
CA ASP B 283 0.79 31.82 4.06
C ASP B 283 0.69 31.21 2.69
N LEU B 284 -0.51 30.77 2.29
CA LEU B 284 -0.71 30.14 0.99
C LEU B 284 -0.59 31.05 -0.23
N GLU B 285 -0.66 32.39 -0.03
CA GLU B 285 -0.48 33.35 -1.11
C GLU B 285 0.98 33.40 -1.57
N GLY B 286 1.87 33.78 -0.67
CA GLY B 286 3.30 33.88 -0.97
C GLY B 286 4.09 32.60 -0.80
N LYS B 287 3.43 31.51 -0.32
CA LYS B 287 4.03 30.18 -0.05
C LYS B 287 5.27 30.33 0.87
N ILE B 288 5.13 31.19 1.89
CA ILE B 288 6.17 31.54 2.85
C ILE B 288 5.73 31.32 4.29
N ILE B 289 6.70 31.03 5.16
CA ILE B 289 6.49 30.83 6.58
C ILE B 289 6.12 32.16 7.23
N VAL B 290 4.95 32.17 7.90
CA VAL B 290 4.39 33.30 8.65
C VAL B 290 5.06 33.29 10.03
N ASP B 291 5.13 32.10 10.65
CA ASP B 291 5.72 31.87 11.97
C ASP B 291 6.08 30.39 12.15
N GLU B 292 6.94 30.10 13.14
CA GLU B 292 7.38 28.76 13.52
C GLU B 292 7.34 28.68 15.05
N LEU B 293 6.37 27.94 15.60
CA LEU B 293 6.12 27.83 17.04
C LEU B 293 6.86 26.67 17.68
N LYS B 294 7.89 27.00 18.45
CA LYS B 294 8.76 26.04 19.15
C LYS B 294 8.63 26.23 20.67
N GLN B 295 8.80 25.14 21.44
CA GLN B 295 8.72 25.17 22.90
C GLN B 295 10.10 25.30 23.53
N PRO B 306 13.26 16.88 22.38
CA PRO B 306 12.14 17.70 22.85
C PRO B 306 10.76 17.08 22.57
N PRO B 307 9.67 17.51 23.27
CA PRO B 307 8.33 16.96 22.97
C PRO B 307 7.94 17.19 21.51
N GLN B 308 7.35 16.19 20.90
CA GLN B 308 6.91 16.25 19.50
C GLN B 308 5.47 16.66 19.48
N CYS B 309 5.11 17.55 18.53
CA CYS B 309 3.73 17.99 18.36
C CYS B 309 3.00 16.95 17.49
N THR B 310 1.87 16.44 18.01
CA THR B 310 1.09 15.37 17.39
C THR B 310 -0.23 15.82 16.77
N SER B 311 -0.79 16.93 17.26
CA SER B 311 -2.10 17.40 16.85
C SER B 311 -2.24 18.91 16.85
N LEU B 312 -3.18 19.44 16.05
CA LEU B 312 -3.48 20.86 15.91
C LEU B 312 -4.97 21.04 15.70
N ALA B 313 -5.57 22.07 16.32
CA ALA B 313 -6.96 22.48 16.13
C ALA B 313 -7.15 23.95 16.47
N TRP B 314 -7.73 24.68 15.52
CA TRP B 314 -8.06 26.10 15.64
C TRP B 314 -9.33 26.23 16.43
N SER B 315 -9.40 27.26 17.29
CA SER B 315 -10.57 27.60 18.10
C SER B 315 -11.69 28.07 17.19
N ALA B 316 -12.91 28.18 17.73
CA ALA B 316 -14.10 28.64 17.02
C ALA B 316 -13.85 29.94 16.25
N ASP B 317 -13.29 30.98 16.94
CA ASP B 317 -13.00 32.30 16.38
C ASP B 317 -11.74 32.42 15.50
N GLY B 318 -10.95 31.35 15.42
CA GLY B 318 -9.71 31.28 14.62
C GLY B 318 -8.56 32.15 15.09
N GLN B 319 -8.54 32.48 16.40
CA GLN B 319 -7.54 33.32 17.05
C GLN B 319 -6.62 32.51 17.96
N THR B 320 -7.03 31.28 18.26
CA THR B 320 -6.30 30.39 19.13
C THR B 320 -6.02 29.04 18.45
N LEU B 321 -4.76 28.61 18.47
CA LEU B 321 -4.39 27.30 17.93
C LEU B 321 -3.97 26.42 19.11
N PHE B 322 -4.71 25.32 19.31
CA PHE B 322 -4.42 24.38 20.38
C PHE B 322 -3.60 23.30 19.74
N ALA B 323 -2.56 22.83 20.43
CA ALA B 323 -1.64 21.82 19.93
C ALA B 323 -1.31 20.80 21.01
N GLY B 324 -1.33 19.52 20.64
CA GLY B 324 -1.06 18.41 21.53
C GLY B 324 0.36 17.92 21.37
N TYR B 325 0.98 17.47 22.49
CA TYR B 325 2.37 17.03 22.51
C TYR B 325 2.59 15.66 23.14
N THR B 326 3.78 15.07 22.93
CA THR B 326 4.19 13.76 23.46
C THR B 326 4.61 13.83 24.95
N ASP B 327 4.54 15.03 25.55
CA ASP B 327 4.85 15.24 26.98
C ASP B 327 3.53 15.29 27.77
N ASN B 328 2.40 14.93 27.10
CA ASN B 328 1.03 14.85 27.64
C ASN B 328 0.29 16.20 27.75
N LEU B 329 0.92 17.32 27.35
CA LEU B 329 0.35 18.67 27.47
C LEU B 329 -0.29 19.20 26.18
N VAL B 330 -1.25 20.10 26.34
CA VAL B 330 -1.86 20.83 25.24
C VAL B 330 -1.32 22.24 25.38
N ARG B 331 -0.69 22.79 24.32
CA ARG B 331 -0.17 24.14 24.34
C ARG B 331 -1.10 25.06 23.58
N VAL B 332 -1.39 26.22 24.18
CA VAL B 332 -2.29 27.26 23.67
C VAL B 332 -1.48 28.40 23.01
N TRP B 333 -1.62 28.53 21.68
CA TRP B 333 -0.94 29.53 20.88
C TRP B 333 -1.96 30.56 20.44
N GLN B 334 -1.68 31.85 20.67
CA GLN B 334 -2.62 32.93 20.40
C GLN B 334 -2.08 33.93 19.38
N VAL B 335 -2.97 34.34 18.44
CA VAL B 335 -2.66 35.32 17.38
C VAL B 335 -2.47 36.69 18.03
N THR B 336 -1.32 37.30 17.76
CA THR B 336 -0.95 38.65 18.23
C THR B 336 -0.54 39.48 16.99
N ILE B 337 -0.48 40.83 17.10
CA ILE B 337 -0.12 41.67 15.94
C ILE B 337 1.38 41.95 15.82
N GLU C 26 -10.63 -4.23 35.73
CA GLU C 26 -10.40 -5.13 34.60
C GLU C 26 -9.52 -6.32 34.99
N GLN C 27 -10.09 -7.54 34.92
CA GLN C 27 -9.42 -8.81 35.27
C GLN C 27 -9.85 -9.92 34.32
N MET C 28 -9.35 -11.15 34.57
CA MET C 28 -9.67 -12.33 33.76
C MET C 28 -10.18 -13.50 34.61
N THR C 29 -11.17 -14.23 34.10
CA THR C 29 -11.73 -15.41 34.76
C THR C 29 -11.86 -16.57 33.77
N LEU C 30 -11.79 -17.80 34.26
CA LEU C 30 -11.94 -19.00 33.44
C LEU C 30 -13.43 -19.17 33.10
N ARG C 31 -13.74 -19.09 31.80
CA ARG C 31 -15.10 -19.22 31.28
C ARG C 31 -15.41 -20.65 30.88
N GLY C 32 -14.39 -21.37 30.47
CA GLY C 32 -14.56 -22.75 30.03
C GLY C 32 -13.28 -23.38 29.53
N THR C 33 -13.43 -24.58 28.98
CA THR C 33 -12.33 -25.39 28.45
C THR C 33 -12.77 -26.05 27.15
N LEU C 34 -11.79 -26.52 26.35
CA LEU C 34 -12.08 -27.21 25.10
C LEU C 34 -11.39 -28.56 25.14
N LYS C 35 -12.18 -29.63 25.26
CA LYS C 35 -11.69 -31.01 25.33
C LYS C 35 -11.89 -31.69 23.96
N GLY C 36 -10.85 -32.37 23.50
CA GLY C 36 -10.84 -33.06 22.21
C GLY C 36 -9.49 -33.65 21.88
N HIS C 37 -8.40 -32.85 22.06
CA HIS C 37 -7.03 -33.29 21.77
C HIS C 37 -6.61 -34.45 22.67
N ASN C 38 -5.71 -35.31 22.16
CA ASN C 38 -5.18 -36.47 22.88
C ASN C 38 -3.71 -36.29 23.28
N GLY C 39 -3.15 -35.15 22.89
CA GLY C 39 -1.78 -34.75 23.19
C GLY C 39 -1.75 -33.26 23.50
N TRP C 40 -0.60 -32.76 23.95
CA TRP C 40 -0.41 -31.34 24.29
C TRP C 40 -0.95 -30.42 23.19
N VAL C 41 -1.57 -29.30 23.59
CA VAL C 41 -1.98 -28.27 22.65
C VAL C 41 -0.69 -27.44 22.50
N THR C 42 -0.21 -27.24 21.27
CA THR C 42 1.05 -26.56 21.01
C THR C 42 0.88 -25.13 20.53
N GLN C 43 -0.28 -24.83 19.91
CA GLN C 43 -0.60 -23.52 19.35
C GLN C 43 -2.10 -23.35 19.18
N ILE C 44 -2.54 -22.08 19.19
CA ILE C 44 -3.91 -21.64 18.98
C ILE C 44 -3.90 -20.50 17.97
N ALA C 45 -4.85 -20.53 17.03
CA ALA C 45 -5.02 -19.50 16.01
C ALA C 45 -6.48 -19.05 15.97
N THR C 46 -6.71 -17.74 15.85
CA THR C 46 -8.09 -17.19 15.75
C THR C 46 -8.23 -16.39 14.45
N THR C 47 -9.45 -16.07 14.03
CA THR C 47 -9.67 -15.25 12.83
C THR C 47 -10.81 -14.26 13.00
N PRO C 48 -10.59 -12.97 12.63
CA PRO C 48 -11.67 -11.95 12.77
C PRO C 48 -12.94 -12.20 11.97
N GLN C 49 -12.80 -12.87 10.84
CA GLN C 49 -13.89 -13.25 9.93
C GLN C 49 -14.87 -14.24 10.56
N PHE C 50 -14.37 -15.26 11.27
CA PHE C 50 -15.22 -16.27 11.91
C PHE C 50 -15.00 -16.29 13.44
N PRO C 51 -15.68 -15.40 14.18
CA PRO C 51 -15.49 -15.37 15.65
C PRO C 51 -15.95 -16.63 16.40
N ASP C 52 -16.76 -17.50 15.77
CA ASP C 52 -17.24 -18.74 16.37
C ASP C 52 -16.35 -19.92 16.00
N MET C 53 -15.22 -19.65 15.34
CA MET C 53 -14.31 -20.70 14.94
C MET C 53 -12.86 -20.38 15.32
N ILE C 54 -12.19 -21.35 15.96
CA ILE C 54 -10.77 -21.24 16.32
C ILE C 54 -10.05 -22.56 15.97
N LEU C 55 -8.74 -22.48 15.74
CA LEU C 55 -7.90 -23.65 15.45
C LEU C 55 -6.91 -23.88 16.54
N SER C 56 -6.64 -25.17 16.81
CA SER C 56 -5.62 -25.57 17.77
C SER C 56 -4.72 -26.67 17.21
N ALA C 57 -3.41 -26.52 17.38
CA ALA C 57 -2.38 -27.48 16.95
C ALA C 57 -2.02 -28.35 18.14
N SER C 58 -1.70 -29.63 17.87
CA SER C 58 -1.38 -30.55 18.93
C SER C 58 -0.30 -31.57 18.63
N ARG C 59 0.24 -32.14 19.71
CA ARG C 59 1.20 -33.24 19.63
C ARG C 59 0.50 -34.54 19.20
N ASP C 60 -0.88 -34.54 19.21
CA ASP C 60 -1.67 -35.67 18.73
C ASP C 60 -1.65 -35.78 17.18
N LYS C 61 -0.83 -34.92 16.51
CA LYS C 61 -0.59 -34.81 15.06
C LYS C 61 -1.73 -34.13 14.29
N THR C 62 -2.71 -33.56 15.00
CA THR C 62 -3.84 -32.93 14.34
C THR C 62 -3.96 -31.46 14.73
N ILE C 63 -4.82 -30.75 13.96
CA ILE C 63 -5.26 -29.40 14.21
C ILE C 63 -6.77 -29.58 14.31
N ILE C 64 -7.37 -29.10 15.40
CA ILE C 64 -8.81 -29.17 15.58
C ILE C 64 -9.43 -27.83 15.26
N MET C 65 -10.51 -27.88 14.47
CA MET C 65 -11.34 -26.75 14.10
C MET C 65 -12.50 -26.76 15.11
N TRP C 66 -12.55 -25.77 16.02
CA TRP C 66 -13.60 -25.70 17.04
C TRP C 66 -14.78 -24.83 16.61
N LYS C 67 -15.98 -25.20 17.05
CA LYS C 67 -17.20 -24.43 16.84
C LYS C 67 -17.54 -23.88 18.22
N LEU C 68 -17.45 -22.55 18.37
CA LEU C 68 -17.69 -21.89 19.64
C LEU C 68 -19.20 -21.72 19.92
N THR C 69 -19.75 -22.67 20.70
CA THR C 69 -21.15 -22.73 21.07
C THR C 69 -21.52 -21.79 22.22
N ARG C 70 -20.63 -21.64 23.22
CA ARG C 70 -20.80 -20.79 24.41
C ARG C 70 -22.09 -21.11 25.21
N ASP C 71 -22.51 -22.38 25.25
CA ASP C 71 -23.71 -22.76 26.04
C ASP C 71 -23.38 -23.19 27.48
N GLU C 72 -24.40 -23.60 28.27
CA GLU C 72 -24.27 -24.01 29.68
C GLU C 72 -23.37 -25.23 29.83
N THR C 73 -23.38 -26.14 28.84
CA THR C 73 -22.60 -27.37 28.81
C THR C 73 -21.16 -27.10 28.39
N ASN C 74 -20.92 -26.80 27.10
CA ASN C 74 -19.58 -26.54 26.57
C ASN C 74 -19.44 -25.17 25.91
N TYR C 75 -18.24 -24.55 26.03
CA TYR C 75 -17.93 -23.26 25.42
C TYR C 75 -17.77 -23.51 23.93
N GLY C 76 -17.19 -24.65 23.59
CA GLY C 76 -16.96 -25.04 22.20
C GLY C 76 -16.92 -26.55 22.02
N ILE C 77 -17.12 -26.97 20.76
CA ILE C 77 -17.23 -28.35 20.30
C ILE C 77 -16.30 -28.63 19.09
N PRO C 78 -15.55 -29.77 19.02
CA PRO C 78 -14.72 -30.03 17.82
C PRO C 78 -15.60 -30.17 16.59
N GLN C 79 -15.40 -29.30 15.61
CA GLN C 79 -16.17 -29.29 14.36
C GLN C 79 -15.51 -30.24 13.36
N ARG C 80 -14.17 -30.19 13.28
CA ARG C 80 -13.37 -31.03 12.37
C ARG C 80 -11.94 -31.21 12.88
N ALA C 81 -11.31 -32.34 12.50
CA ALA C 81 -9.92 -32.64 12.84
C ALA C 81 -9.11 -32.67 11.54
N LEU C 82 -8.08 -31.82 11.43
CA LEU C 82 -7.20 -31.76 10.27
C LEU C 82 -6.04 -32.74 10.45
N ARG C 83 -6.06 -33.86 9.69
CA ARG C 83 -5.07 -34.95 9.75
C ARG C 83 -4.21 -35.00 8.49
N GLY C 84 -2.93 -35.32 8.66
CA GLY C 84 -1.98 -35.40 7.56
C GLY C 84 -0.52 -35.42 7.95
N HIS C 85 -0.15 -34.63 8.98
CA HIS C 85 1.22 -34.58 9.52
C HIS C 85 1.52 -35.89 10.23
N SER C 86 2.73 -36.43 10.04
CA SER C 86 3.12 -37.72 10.62
C SER C 86 3.88 -37.60 11.96
N HIS C 87 3.81 -36.43 12.61
CA HIS C 87 4.44 -36.12 13.89
C HIS C 87 3.78 -34.88 14.48
N PHE C 88 4.17 -34.48 15.72
CA PHE C 88 3.62 -33.32 16.45
C PHE C 88 3.44 -32.07 15.53
N VAL C 89 2.29 -31.36 15.67
CA VAL C 89 2.05 -30.12 14.93
C VAL C 89 2.58 -29.05 15.89
N SER C 90 3.52 -28.23 15.42
CA SER C 90 4.24 -27.23 16.20
C SER C 90 3.67 -25.82 16.23
N ASP C 91 3.09 -25.38 15.11
CA ASP C 91 2.54 -24.03 14.92
C ASP C 91 1.37 -24.11 13.94
N VAL C 92 0.41 -23.17 14.07
CA VAL C 92 -0.75 -23.03 13.19
C VAL C 92 -1.13 -21.55 13.11
N VAL C 93 -1.47 -21.07 11.91
CA VAL C 93 -1.90 -19.70 11.66
C VAL C 93 -3.03 -19.76 10.62
N ILE C 94 -3.98 -18.82 10.69
CA ILE C 94 -5.13 -18.75 9.77
C ILE C 94 -4.90 -17.61 8.74
N SER C 95 -5.38 -17.77 7.51
CA SER C 95 -5.26 -16.74 6.49
C SER C 95 -6.18 -15.54 6.84
N SER C 96 -5.90 -14.35 6.26
CA SER C 96 -6.70 -13.14 6.54
C SER C 96 -8.19 -13.25 6.25
N ASP C 97 -8.56 -14.07 5.26
CA ASP C 97 -9.98 -14.30 4.93
C ASP C 97 -10.63 -15.40 5.83
N GLY C 98 -9.79 -16.10 6.60
CA GLY C 98 -10.22 -17.15 7.51
C GLY C 98 -10.59 -18.45 6.82
N GLN C 99 -10.25 -18.56 5.53
CA GLN C 99 -10.55 -19.72 4.69
C GLN C 99 -9.49 -20.81 4.74
N PHE C 100 -8.24 -20.44 5.04
CA PHE C 100 -7.13 -21.39 5.07
C PHE C 100 -6.33 -21.34 6.34
N ALA C 101 -5.63 -22.44 6.62
CA ALA C 101 -4.72 -22.58 7.74
C ALA C 101 -3.34 -23.02 7.20
N LEU C 102 -2.28 -22.59 7.90
CA LEU C 102 -0.93 -22.98 7.59
C LEU C 102 -0.37 -23.56 8.85
N SER C 103 0.07 -24.81 8.78
CA SER C 103 0.66 -25.49 9.93
C SER C 103 2.10 -25.91 9.64
N GLY C 104 2.82 -26.17 10.71
CA GLY C 104 4.21 -26.65 10.72
C GLY C 104 4.23 -27.83 11.65
N SER C 105 5.11 -28.80 11.36
CA SER C 105 5.20 -30.03 12.14
C SER C 105 6.63 -30.56 12.29
N TRP C 106 6.81 -31.48 13.23
CA TRP C 106 8.09 -32.17 13.49
C TRP C 106 8.42 -33.22 12.38
N ASP C 107 7.57 -33.32 11.34
CA ASP C 107 7.79 -34.18 10.19
C ASP C 107 8.64 -33.48 9.11
N GLY C 108 9.00 -32.22 9.38
CA GLY C 108 9.82 -31.36 8.53
C GLY C 108 9.08 -30.62 7.43
N THR C 109 7.74 -30.64 7.46
CA THR C 109 6.94 -30.01 6.41
C THR C 109 5.99 -28.96 6.96
N LEU C 110 5.48 -28.12 6.06
CA LEU C 110 4.42 -27.15 6.30
C LEU C 110 3.27 -27.69 5.48
N ARG C 111 2.06 -27.34 5.86
CA ARG C 111 0.85 -27.73 5.16
C ARG C 111 -0.13 -26.58 5.10
N LEU C 112 -0.74 -26.40 3.93
CA LEU C 112 -1.78 -25.42 3.69
C LEU C 112 -3.05 -26.23 3.71
N TRP C 113 -4.05 -25.77 4.45
CA TRP C 113 -5.31 -26.49 4.58
C TRP C 113 -6.44 -25.62 4.14
N ASP C 114 -7.38 -26.21 3.38
CA ASP C 114 -8.61 -25.56 3.02
C ASP C 114 -9.53 -25.89 4.19
N LEU C 115 -9.98 -24.86 4.91
CA LEU C 115 -10.82 -25.07 6.09
C LEU C 115 -12.21 -25.63 5.81
N THR C 116 -12.84 -25.26 4.67
CA THR C 116 -14.18 -25.77 4.31
C THR C 116 -14.16 -27.29 4.05
N THR C 117 -13.18 -27.79 3.26
CA THR C 117 -13.04 -29.21 2.94
C THR C 117 -12.30 -30.01 4.02
N GLY C 118 -11.42 -29.33 4.77
CA GLY C 118 -10.58 -29.93 5.80
C GLY C 118 -9.48 -30.79 5.22
N THR C 119 -9.01 -30.40 4.02
CA THR C 119 -8.01 -31.11 3.23
C THR C 119 -6.73 -30.30 3.05
N THR C 120 -5.58 -30.98 2.91
CA THR C 120 -4.32 -30.31 2.61
C THR C 120 -4.34 -30.01 1.12
N THR C 121 -4.14 -28.74 0.77
CA THR C 121 -4.09 -28.30 -0.62
C THR C 121 -2.62 -28.21 -1.06
N ARG C 122 -1.67 -28.14 -0.12
CA ARG C 122 -0.25 -27.99 -0.42
C ARG C 122 0.66 -28.46 0.72
N ARG C 123 1.73 -29.19 0.37
CA ARG C 123 2.77 -29.62 1.29
C ARG C 123 4.04 -28.82 0.97
N PHE C 124 4.72 -28.30 2.00
CA PHE C 124 5.95 -27.53 1.81
C PHE C 124 7.16 -28.39 2.21
N VAL C 125 7.87 -28.91 1.21
CA VAL C 125 9.03 -29.79 1.40
C VAL C 125 10.32 -29.03 1.10
N GLY C 126 11.23 -29.02 2.06
CA GLY C 126 12.50 -28.32 1.93
C GLY C 126 13.32 -28.35 3.20
N HIS C 127 12.68 -28.21 4.36
CA HIS C 127 13.38 -28.29 5.64
C HIS C 127 13.89 -29.72 5.78
N THR C 128 15.05 -29.90 6.43
CA THR C 128 15.73 -31.19 6.57
C THR C 128 15.62 -31.75 7.99
N LYS C 129 14.93 -30.99 8.88
CA LYS C 129 14.66 -31.32 10.27
C LYS C 129 13.32 -30.70 10.64
N ASP C 130 12.85 -30.93 11.88
CA ASP C 130 11.56 -30.45 12.40
C ASP C 130 11.33 -28.98 12.17
N VAL C 131 10.10 -28.65 11.75
CA VAL C 131 9.63 -27.28 11.52
C VAL C 131 9.00 -26.87 12.83
N LEU C 132 9.47 -25.76 13.39
CA LEU C 132 8.99 -25.29 14.71
C LEU C 132 8.14 -24.03 14.71
N SER C 133 8.08 -23.30 13.59
CA SER C 133 7.30 -22.06 13.47
C SER C 133 6.90 -21.77 12.06
N VAL C 134 5.71 -21.23 11.88
CA VAL C 134 5.16 -20.80 10.58
C VAL C 134 4.50 -19.45 10.73
N ALA C 135 4.44 -18.68 9.62
CA ALA C 135 3.79 -17.37 9.60
C ALA C 135 3.47 -16.93 8.17
N PHE C 136 2.36 -16.23 8.01
CA PHE C 136 1.88 -15.64 6.76
C PHE C 136 2.22 -14.16 6.85
N SER C 137 2.61 -13.55 5.72
CA SER C 137 2.82 -12.10 5.68
C SER C 137 1.43 -11.45 5.72
N SER C 138 1.34 -10.14 6.03
CA SER C 138 0.06 -9.44 6.08
C SER C 138 -0.80 -9.63 4.83
N ASP C 139 -0.18 -9.56 3.63
CA ASP C 139 -0.92 -9.75 2.37
C ASP C 139 -1.20 -11.21 2.04
N ASN C 140 -0.64 -12.15 2.84
CA ASN C 140 -0.77 -13.61 2.68
C ASN C 140 -0.10 -14.18 1.42
N ARG C 141 0.76 -13.39 0.77
CA ARG C 141 1.46 -13.80 -0.45
C ARG C 141 2.78 -14.53 -0.16
N GLN C 142 3.31 -14.35 1.05
CA GLN C 142 4.59 -14.90 1.52
C GLN C 142 4.41 -15.70 2.78
N ILE C 143 5.21 -16.74 2.92
CA ILE C 143 5.25 -17.67 4.06
C ILE C 143 6.68 -17.83 4.59
N VAL C 144 6.85 -17.77 5.91
CA VAL C 144 8.12 -18.02 6.61
C VAL C 144 8.01 -19.24 7.50
N SER C 145 9.12 -19.93 7.65
CA SER C 145 9.25 -21.10 8.51
C SER C 145 10.61 -21.09 9.16
N GLY C 146 10.66 -21.71 10.36
CA GLY C 146 11.83 -21.87 11.22
C GLY C 146 12.01 -23.33 11.58
N SER C 147 13.25 -23.81 11.55
CA SER C 147 13.53 -25.22 11.80
C SER C 147 14.71 -25.56 12.74
N ARG C 148 14.70 -26.85 13.19
CA ARG C 148 15.75 -27.49 13.96
C ARG C 148 17.00 -27.60 13.06
N ASP C 149 16.80 -27.55 11.69
CA ASP C 149 17.88 -27.56 10.72
C ASP C 149 18.68 -26.24 10.75
N LYS C 150 18.29 -25.28 11.64
CA LYS C 150 18.89 -23.97 11.89
C LYS C 150 18.61 -22.91 10.79
N THR C 151 17.63 -23.16 9.90
CA THR C 151 17.32 -22.22 8.83
C THR C 151 15.96 -21.52 8.95
N ILE C 152 15.83 -20.42 8.19
CA ILE C 152 14.61 -19.66 7.98
C ILE C 152 14.37 -19.74 6.48
N LYS C 153 13.17 -20.23 6.11
CA LYS C 153 12.78 -20.35 4.71
C LYS C 153 11.62 -19.44 4.35
N LEU C 154 11.73 -18.81 3.19
CA LEU C 154 10.71 -17.98 2.60
C LEU C 154 10.09 -18.79 1.46
N TRP C 155 8.76 -18.86 1.42
CA TRP C 155 8.05 -19.64 0.41
C TRP C 155 6.92 -18.81 -0.16
N ASN C 156 6.41 -19.24 -1.32
CA ASN C 156 5.21 -18.64 -1.91
C ASN C 156 4.07 -19.58 -1.49
N THR C 157 2.84 -19.30 -1.93
CA THR C 157 1.66 -20.12 -1.58
C THR C 157 1.59 -21.44 -2.34
N LEU C 158 2.53 -21.68 -3.26
CA LEU C 158 2.57 -22.91 -4.07
C LEU C 158 3.59 -23.96 -3.58
N GLY C 159 4.17 -23.73 -2.40
CA GLY C 159 5.13 -24.64 -1.79
C GLY C 159 6.55 -24.56 -2.32
N VAL C 160 6.85 -23.51 -3.06
CA VAL C 160 8.18 -23.29 -3.64
C VAL C 160 8.98 -22.43 -2.68
N CYS C 161 10.18 -22.90 -2.28
CA CYS C 161 11.10 -22.17 -1.41
C CYS C 161 11.83 -21.14 -2.29
N LYS C 162 11.58 -19.86 -1.99
CA LYS C 162 12.09 -18.72 -2.72
C LYS C 162 13.44 -18.24 -2.16
N TYR C 163 13.64 -18.45 -0.86
CA TYR C 163 14.85 -18.04 -0.17
C TYR C 163 15.06 -18.87 1.08
N THR C 164 16.34 -19.22 1.34
CA THR C 164 16.80 -19.91 2.53
C THR C 164 17.86 -19.03 3.16
N VAL C 165 17.67 -18.67 4.43
CA VAL C 165 18.63 -17.93 5.25
C VAL C 165 19.33 -19.02 6.09
N GLN C 166 20.63 -19.23 5.87
CA GLN C 166 21.36 -20.29 6.57
C GLN C 166 22.64 -19.85 7.22
N ASP C 167 23.48 -19.03 6.51
CA ASP C 167 24.80 -18.58 6.98
C ASP C 167 24.77 -17.58 8.16
N GLU C 168 24.24 -16.35 7.94
CA GLU C 168 24.15 -15.37 9.03
C GLU C 168 23.01 -15.70 10.00
N SER C 169 22.29 -16.80 9.72
CA SER C 169 21.19 -17.33 10.53
C SER C 169 21.66 -17.82 11.92
N HIS C 170 20.69 -18.27 12.75
CA HIS C 170 20.94 -18.78 14.10
C HIS C 170 21.87 -19.96 14.03
N SER C 171 22.80 -20.06 14.99
CA SER C 171 23.77 -21.18 15.02
C SER C 171 23.16 -22.41 15.70
N GLU C 172 21.85 -22.32 16.06
CA GLU C 172 21.08 -23.39 16.70
C GLU C 172 19.66 -23.42 16.10
N TRP C 173 18.75 -24.28 16.62
CA TRP C 173 17.33 -24.41 16.20
C TRP C 173 16.65 -23.03 16.13
N VAL C 174 15.85 -22.80 15.09
CA VAL C 174 15.10 -21.55 14.97
C VAL C 174 13.73 -21.96 15.51
N SER C 175 13.34 -21.39 16.67
CA SER C 175 12.12 -21.77 17.36
C SER C 175 10.89 -20.92 17.03
N CYS C 176 11.09 -19.68 16.52
CA CYS C 176 9.98 -18.79 16.20
C CYS C 176 10.33 -17.79 15.10
N VAL C 177 9.42 -17.60 14.14
CA VAL C 177 9.54 -16.63 13.02
C VAL C 177 8.24 -15.88 12.90
N ARG C 178 8.30 -14.52 12.89
CA ARG C 178 7.11 -13.67 12.78
C ARG C 178 7.36 -12.46 11.89
N PHE C 179 6.33 -12.05 11.12
CA PHE C 179 6.38 -10.84 10.28
C PHE C 179 6.00 -9.63 11.12
N SER C 180 6.50 -8.44 10.77
CA SER C 180 6.06 -7.23 11.45
C SER C 180 4.94 -6.62 10.58
N PRO C 181 3.88 -6.03 11.21
CA PRO C 181 2.81 -5.41 10.38
C PRO C 181 3.15 -4.05 9.79
N ASN C 182 4.28 -3.44 10.22
CA ASN C 182 4.77 -2.13 9.74
C ASN C 182 5.39 -2.24 8.35
N SER C 183 4.75 -1.63 7.33
CA SER C 183 5.23 -1.62 5.94
C SER C 183 6.41 -0.70 5.63
N SER C 184 6.68 0.28 6.50
CA SER C 184 7.78 1.24 6.26
C SER C 184 9.13 0.60 6.58
N ASN C 185 9.09 -0.36 7.50
CA ASN C 185 10.24 -1.10 7.97
C ASN C 185 9.97 -2.60 7.64
N PRO C 186 10.02 -3.05 6.34
CA PRO C 186 9.69 -4.46 6.03
C PRO C 186 10.64 -5.40 6.74
N ILE C 187 10.11 -6.11 7.74
CA ILE C 187 10.88 -6.94 8.64
C ILE C 187 10.26 -8.27 9.05
N ILE C 188 11.14 -9.27 9.30
CA ILE C 188 10.84 -10.56 9.91
C ILE C 188 11.69 -10.65 11.17
N VAL C 189 11.08 -11.13 12.26
CA VAL C 189 11.76 -11.31 13.54
C VAL C 189 11.88 -12.81 13.85
N SER C 190 13.03 -13.22 14.36
CA SER C 190 13.20 -14.61 14.73
C SER C 190 13.99 -14.78 16.03
N CYS C 191 13.80 -15.90 16.67
CA CYS C 191 14.57 -16.25 17.88
C CYS C 191 14.99 -17.71 17.77
N GLY C 192 15.99 -18.09 18.54
CA GLY C 192 16.51 -19.45 18.47
C GLY C 192 17.15 -19.93 19.75
N TRP C 193 17.67 -21.16 19.67
CA TRP C 193 18.34 -21.78 20.80
C TRP C 193 19.76 -21.24 21.00
N ASP C 194 20.18 -20.31 20.12
CA ASP C 194 21.49 -19.63 20.20
C ASP C 194 21.37 -18.39 21.10
N LYS C 195 20.21 -18.21 21.78
CA LYS C 195 19.90 -17.14 22.74
C LYS C 195 19.76 -15.77 22.07
N LEU C 196 19.66 -15.76 20.73
CA LEU C 196 19.57 -14.51 20.00
C LEU C 196 18.22 -14.24 19.42
N VAL C 197 17.91 -12.94 19.31
CA VAL C 197 16.75 -12.41 18.61
C VAL C 197 17.35 -11.72 17.40
N LYS C 198 16.89 -12.12 16.19
CA LYS C 198 17.37 -11.56 14.95
C LYS C 198 16.25 -10.85 14.24
N VAL C 199 16.55 -9.65 13.74
CA VAL C 199 15.64 -8.81 12.95
C VAL C 199 16.21 -8.82 11.52
N TRP C 200 15.39 -9.23 10.57
CA TRP C 200 15.81 -9.36 9.18
C TRP C 200 15.13 -8.36 8.29
N ASN C 201 15.86 -7.82 7.30
CA ASN C 201 15.26 -6.91 6.32
C ASN C 201 14.57 -7.85 5.32
N LEU C 202 13.24 -7.76 5.24
CA LEU C 202 12.40 -8.61 4.39
C LEU C 202 12.67 -8.50 2.88
N ALA C 203 13.08 -7.32 2.40
CA ALA C 203 13.37 -7.05 0.99
C ALA C 203 14.50 -7.92 0.43
N ASN C 204 15.67 -7.98 1.13
CA ASN C 204 16.85 -8.71 0.69
C ASN C 204 17.21 -9.93 1.53
N CYS C 205 16.43 -10.17 2.62
CA CYS C 205 16.64 -11.28 3.57
C CYS C 205 17.99 -11.27 4.28
N LYS C 206 18.56 -10.08 4.46
CA LYS C 206 19.83 -9.88 5.14
C LYS C 206 19.60 -9.39 6.56
N LEU C 207 20.46 -9.86 7.48
CA LEU C 207 20.45 -9.49 8.88
C LEU C 207 20.51 -7.96 9.10
N LYS C 208 19.57 -7.46 9.91
CA LYS C 208 19.52 -6.05 10.25
C LYS C 208 20.15 -5.85 11.63
N THR C 209 19.72 -6.66 12.61
CA THR C 209 20.16 -6.54 13.99
C THR C 209 20.22 -7.91 14.70
N ASN C 210 21.18 -8.03 15.61
CA ASN C 210 21.30 -9.16 16.53
C ASN C 210 20.94 -8.55 17.89
N HIS C 211 19.98 -9.16 18.58
CA HIS C 211 19.59 -8.68 19.90
C HIS C 211 20.10 -9.67 20.95
N ILE C 212 21.20 -9.30 21.62
CA ILE C 212 21.89 -10.08 22.66
C ILE C 212 21.35 -9.61 23.99
N GLY C 213 21.31 -10.51 24.95
CA GLY C 213 20.82 -10.21 26.30
C GLY C 213 20.36 -11.43 27.04
N HIS C 214 19.60 -12.32 26.38
CA HIS C 214 19.09 -13.56 26.95
C HIS C 214 20.24 -14.49 27.37
N THR C 215 20.06 -15.20 28.50
CA THR C 215 21.05 -16.13 29.05
C THR C 215 20.67 -17.59 28.79
N GLY C 216 19.48 -17.79 28.22
CA GLY C 216 18.99 -19.11 27.87
C GLY C 216 18.36 -19.18 26.50
N TYR C 217 18.08 -20.40 26.00
CA TYR C 217 17.41 -20.61 24.71
C TYR C 217 16.07 -19.84 24.64
N LEU C 218 15.65 -19.51 23.41
CA LEU C 218 14.43 -18.79 23.16
C LEU C 218 13.38 -19.63 22.51
N ASN C 219 12.16 -19.49 23.00
CA ASN C 219 11.02 -20.27 22.52
C ASN C 219 10.09 -19.46 21.67
N THR C 220 10.02 -18.16 21.91
CA THR C 220 9.02 -17.30 21.28
C THR C 220 9.42 -15.85 21.04
N VAL C 221 8.82 -15.26 20.01
CA VAL C 221 8.92 -13.83 19.66
C VAL C 221 7.57 -13.37 19.19
N THR C 222 7.21 -12.15 19.56
CA THR C 222 5.95 -11.57 19.15
C THR C 222 6.15 -10.11 18.82
N VAL C 223 5.37 -9.62 17.86
CA VAL C 223 5.44 -8.23 17.38
C VAL C 223 4.12 -7.50 17.71
N SER C 224 4.22 -6.29 18.29
CA SER C 224 3.06 -5.48 18.66
C SER C 224 2.26 -5.09 17.42
N PRO C 225 0.93 -4.79 17.55
CA PRO C 225 0.14 -4.39 16.35
C PRO C 225 0.65 -3.19 15.54
N ASP C 226 1.46 -2.28 16.13
CA ASP C 226 2.03 -1.14 15.40
C ASP C 226 3.43 -1.43 14.81
N GLY C 227 3.97 -2.61 15.13
CA GLY C 227 5.28 -3.07 14.68
C GLY C 227 6.47 -2.32 15.25
N SER C 228 6.28 -1.59 16.35
CA SER C 228 7.34 -0.84 17.04
C SER C 228 7.98 -1.70 18.14
N LEU C 229 7.22 -2.64 18.73
CA LEU C 229 7.70 -3.50 19.80
C LEU C 229 7.82 -4.95 19.39
N CYS C 230 8.79 -5.63 20.01
CA CYS C 230 9.02 -7.07 19.89
C CYS C 230 9.35 -7.59 21.30
N ALA C 231 8.65 -8.65 21.73
CA ALA C 231 8.89 -9.30 23.01
C ALA C 231 9.45 -10.72 22.75
N SER C 232 10.52 -11.07 23.42
CA SER C 232 11.18 -12.37 23.28
C SER C 232 11.19 -13.10 24.60
N GLY C 233 11.17 -14.43 24.55
CA GLY C 233 11.13 -15.25 25.75
C GLY C 233 11.47 -16.70 25.57
N GLY C 234 11.85 -17.32 26.67
CA GLY C 234 12.25 -18.71 26.69
C GLY C 234 12.73 -19.13 28.06
N LYS C 235 13.78 -19.95 28.08
CA LYS C 235 14.40 -20.54 29.27
C LYS C 235 14.69 -19.63 30.47
N ASP C 236 15.38 -18.49 30.26
CA ASP C 236 15.77 -17.59 31.37
C ASP C 236 14.60 -16.92 32.13
N GLY C 237 13.38 -17.06 31.63
CA GLY C 237 12.17 -16.51 32.24
C GLY C 237 11.98 -15.01 32.18
N GLN C 238 12.83 -14.27 31.42
CA GLN C 238 12.77 -12.83 31.27
C GLN C 238 12.11 -12.46 29.93
N ALA C 239 11.09 -11.59 29.97
CA ALA C 239 10.44 -11.14 28.74
C ALA C 239 11.13 -9.86 28.37
N MET C 240 11.89 -9.89 27.27
CA MET C 240 12.66 -8.72 26.85
C MET C 240 11.97 -7.97 25.75
N LEU C 241 11.83 -6.65 25.94
CA LEU C 241 11.20 -5.76 24.98
C LEU C 241 12.23 -5.02 24.17
N TRP C 242 12.10 -5.12 22.82
CA TRP C 242 12.99 -4.52 21.85
C TRP C 242 12.23 -3.56 20.97
N ASP C 243 12.85 -2.39 20.68
CA ASP C 243 12.28 -1.40 19.79
C ASP C 243 12.72 -1.71 18.37
N LEU C 244 11.75 -2.08 17.50
CA LEU C 244 12.01 -2.42 16.08
C LEU C 244 12.36 -1.23 15.20
N ASN C 245 11.93 0.00 15.57
CA ASN C 245 12.24 1.20 14.81
C ASN C 245 13.66 1.69 15.10
N GLU C 246 14.06 1.69 16.38
CA GLU C 246 15.37 2.14 16.84
C GLU C 246 16.48 1.07 16.86
N GLY C 247 16.09 -0.20 16.93
CA GLY C 247 17.03 -1.32 16.98
C GLY C 247 17.74 -1.42 18.33
N LYS C 248 16.98 -1.17 19.42
CA LYS C 248 17.53 -1.19 20.77
C LYS C 248 16.61 -1.86 21.78
N HIS C 249 17.24 -2.39 22.84
CA HIS C 249 16.57 -2.99 23.97
C HIS C 249 15.84 -1.89 24.73
N LEU C 250 14.61 -2.15 25.18
CA LEU C 250 13.83 -1.15 25.91
C LEU C 250 13.83 -1.42 27.39
N TYR C 251 13.29 -2.57 27.80
CA TYR C 251 13.19 -3.02 29.19
C TYR C 251 12.93 -4.50 29.24
N THR C 252 13.05 -5.08 30.44
CA THR C 252 12.77 -6.49 30.66
C THR C 252 11.78 -6.68 31.80
N LEU C 253 10.88 -7.64 31.63
CA LEU C 253 9.86 -7.98 32.63
C LEU C 253 10.14 -9.38 33.13
N ASP C 254 10.12 -9.56 34.45
CA ASP C 254 10.37 -10.85 35.05
C ASP C 254 9.15 -11.76 35.01
N GLY C 255 9.26 -12.82 34.21
CA GLY C 255 8.22 -13.85 34.09
C GLY C 255 8.26 -14.88 35.21
N GLY C 256 9.41 -14.99 35.90
CA GLY C 256 9.62 -15.89 37.04
C GLY C 256 9.45 -17.38 36.79
N ASP C 257 9.46 -17.82 35.52
CA ASP C 257 9.31 -19.21 35.05
C ASP C 257 9.63 -19.25 33.56
N ILE C 258 9.89 -20.43 32.99
CA ILE C 258 10.17 -20.57 31.56
C ILE C 258 9.02 -19.92 30.75
N ILE C 259 9.35 -19.08 29.75
CA ILE C 259 8.36 -18.47 28.88
C ILE C 259 8.17 -19.39 27.66
N ASN C 260 6.96 -19.92 27.51
CA ASN C 260 6.62 -20.82 26.43
C ASN C 260 5.93 -20.13 25.25
N ALA C 261 5.29 -18.98 25.51
CA ALA C 261 4.54 -18.25 24.49
C ALA C 261 4.34 -16.81 24.90
N LEU C 262 4.28 -15.93 23.89
CA LEU C 262 4.06 -14.49 24.04
C LEU C 262 3.10 -13.99 22.98
N CYS C 263 2.32 -12.99 23.34
CA CYS C 263 1.38 -12.30 22.46
C CYS C 263 1.00 -10.99 23.12
N PHE C 264 0.85 -9.97 22.30
CA PHE C 264 0.35 -8.69 22.74
C PHE C 264 -1.15 -8.79 22.55
N SER C 265 -1.90 -8.04 23.35
CA SER C 265 -3.34 -7.98 23.19
C SER C 265 -3.61 -7.20 21.86
N PRO C 266 -4.64 -7.58 21.06
CA PRO C 266 -4.89 -6.84 19.82
C PRO C 266 -5.52 -5.46 20.03
N ASN C 267 -6.23 -5.28 21.18
CA ASN C 267 -7.02 -4.08 21.51
C ASN C 267 -6.62 -3.37 22.80
N ARG C 268 -5.52 -3.84 23.48
CA ARG C 268 -5.03 -3.29 24.76
C ARG C 268 -3.52 -3.20 24.78
N TYR C 269 -2.96 -2.29 25.61
CA TYR C 269 -1.53 -2.08 25.79
C TYR C 269 -1.00 -3.12 26.83
N TRP C 270 -1.25 -4.42 26.52
CA TRP C 270 -0.94 -5.57 27.34
C TRP C 270 0.01 -6.55 26.66
N LEU C 271 0.91 -7.16 27.44
CA LEU C 271 1.80 -8.22 27.00
C LEU C 271 1.44 -9.45 27.83
N CYS C 272 1.13 -10.58 27.15
CA CYS C 272 0.75 -11.83 27.78
C CYS C 272 1.85 -12.88 27.59
N ALA C 273 2.27 -13.53 28.69
CA ALA C 273 3.33 -14.55 28.67
C ALA C 273 2.86 -15.84 29.32
N ALA C 274 3.04 -16.97 28.61
CA ALA C 274 2.72 -18.29 29.15
C ALA C 274 3.98 -18.69 29.92
N THR C 275 4.02 -18.37 31.24
CA THR C 275 5.17 -18.60 32.14
C THR C 275 4.93 -19.87 32.95
N GLY C 276 5.47 -20.99 32.46
CA GLY C 276 5.29 -22.27 33.11
C GLY C 276 3.82 -22.63 33.18
N PRO C 277 3.24 -22.83 34.40
CA PRO C 277 1.81 -23.20 34.48
C PRO C 277 0.82 -22.03 34.45
N SER C 278 1.31 -20.79 34.66
CA SER C 278 0.46 -19.60 34.69
C SER C 278 0.58 -18.69 33.46
N ILE C 279 -0.30 -17.67 33.40
CA ILE C 279 -0.31 -16.65 32.36
C ILE C 279 -0.17 -15.30 33.04
N LYS C 280 0.96 -14.63 32.83
CA LYS C 280 1.25 -13.31 33.36
C LYS C 280 0.83 -12.26 32.34
N ILE C 281 -0.02 -11.31 32.74
CA ILE C 281 -0.48 -10.22 31.89
C ILE C 281 0.12 -8.95 32.45
N TRP C 282 0.91 -8.25 31.62
CA TRP C 282 1.60 -7.01 31.97
C TRP C 282 1.00 -5.81 31.23
N ASP C 283 0.80 -4.70 31.97
CA ASP C 283 0.37 -3.41 31.41
C ASP C 283 1.67 -2.75 31.00
N LEU C 284 1.84 -2.48 29.72
CA LEU C 284 3.08 -1.89 29.23
C LEU C 284 3.33 -0.43 29.64
N GLU C 285 2.29 0.28 30.11
CA GLU C 285 2.44 1.65 30.59
C GLU C 285 3.20 1.71 31.92
N GLY C 286 2.64 1.06 32.95
CA GLY C 286 3.23 1.01 34.28
C GLY C 286 4.22 -0.11 34.50
N LYS C 287 4.41 -0.98 33.51
CA LYS C 287 5.34 -2.09 33.64
C LYS C 287 4.97 -2.92 34.88
N ILE C 288 3.69 -3.24 34.99
CA ILE C 288 3.15 -3.98 36.12
C ILE C 288 2.16 -5.06 35.72
N ILE C 289 2.10 -6.13 36.54
CA ILE C 289 1.18 -7.24 36.35
C ILE C 289 -0.25 -6.78 36.58
N VAL C 290 -1.10 -6.98 35.55
CA VAL C 290 -2.52 -6.67 35.54
C VAL C 290 -3.24 -7.84 36.20
N ASP C 291 -2.86 -9.08 35.85
CA ASP C 291 -3.42 -10.31 36.36
C ASP C 291 -2.46 -11.48 36.10
N GLU C 292 -2.65 -12.59 36.84
CA GLU C 292 -1.90 -13.83 36.68
C GLU C 292 -2.88 -14.98 36.72
N LEU C 293 -3.08 -15.63 35.59
CA LEU C 293 -4.05 -16.72 35.40
C LEU C 293 -3.47 -18.10 35.67
N LYS C 294 -3.84 -18.66 36.82
CA LYS C 294 -3.41 -19.98 37.27
C LYS C 294 -4.64 -20.88 37.37
N GLN C 295 -4.50 -22.14 37.00
CA GLN C 295 -5.61 -23.08 37.03
C GLN C 295 -5.35 -24.14 38.09
N GLU C 296 -6.06 -24.05 39.21
CA GLU C 296 -5.90 -25.00 40.30
C GLU C 296 -7.10 -24.95 41.26
N VAL C 297 -7.24 -25.99 42.07
CA VAL C 297 -8.32 -26.06 43.04
C VAL C 297 -8.74 -24.68 43.50
N GLU C 305 3.26 -32.09 39.52
CA GLU C 305 3.53 -31.07 38.48
C GLU C 305 2.23 -30.59 37.78
N PRO C 306 1.86 -29.29 37.90
CA PRO C 306 0.62 -28.83 37.24
C PRO C 306 0.76 -28.71 35.71
N PRO C 307 -0.36 -28.65 34.93
CA PRO C 307 -0.22 -28.51 33.48
C PRO C 307 0.50 -27.21 33.13
N GLN C 308 1.40 -27.27 32.14
CA GLN C 308 2.17 -26.11 31.68
C GLN C 308 1.43 -25.49 30.52
N CYS C 309 1.37 -24.15 30.49
CA CYS C 309 0.74 -23.41 29.39
C CYS C 309 1.77 -23.29 28.26
N THR C 310 1.38 -23.73 27.05
CA THR C 310 2.26 -23.78 25.87
C THR C 310 1.95 -22.73 24.80
N SER C 311 0.72 -22.24 24.77
CA SER C 311 0.25 -21.34 23.73
C SER C 311 -0.81 -20.37 24.19
N LEU C 312 -0.91 -19.22 23.50
CA LEU C 312 -1.85 -18.14 23.78
C LEU C 312 -2.30 -17.52 22.51
N ALA C 313 -3.60 -17.21 22.39
CA ALA C 313 -4.19 -16.47 21.25
C ALA C 313 -5.47 -15.77 21.70
N TRP C 314 -5.51 -14.47 21.43
CA TRP C 314 -6.63 -13.58 21.69
C TRP C 314 -7.65 -13.77 20.61
N SER C 315 -8.93 -13.74 21.01
CA SER C 315 -10.08 -13.84 20.10
C SER C 315 -10.13 -12.60 19.19
N ALA C 316 -10.98 -12.67 18.15
CA ALA C 316 -11.23 -11.59 17.20
C ALA C 316 -11.47 -10.23 17.90
N ASP C 317 -12.43 -10.20 18.86
CA ASP C 317 -12.81 -9.01 19.65
C ASP C 317 -11.87 -8.59 20.79
N GLY C 318 -10.85 -9.41 21.09
CA GLY C 318 -9.86 -9.13 22.13
C GLY C 318 -10.37 -9.20 23.56
N GLN C 319 -11.46 -9.96 23.79
CA GLN C 319 -12.12 -10.13 25.09
C GLN C 319 -11.91 -11.52 25.66
N THR C 320 -11.42 -12.44 24.82
CA THR C 320 -11.20 -13.81 25.19
C THR C 320 -9.78 -14.23 24.86
N LEU C 321 -9.10 -14.81 25.84
CA LEU C 321 -7.76 -15.34 25.64
C LEU C 321 -7.84 -16.86 25.72
N PHE C 322 -7.50 -17.54 24.62
CA PHE C 322 -7.51 -19.00 24.57
C PHE C 322 -6.09 -19.41 24.86
N ALA C 323 -5.92 -20.45 25.66
CA ALA C 323 -4.61 -20.94 26.06
C ALA C 323 -4.57 -22.46 26.03
N GLY C 324 -3.48 -22.99 25.49
CA GLY C 324 -3.24 -24.42 25.36
C GLY C 324 -2.34 -24.94 26.45
N TYR C 325 -2.61 -26.18 26.91
CA TYR C 325 -1.88 -26.78 28.01
C TYR C 325 -1.33 -28.18 27.71
N THR C 326 -0.40 -28.68 28.55
CA THR C 326 0.24 -29.99 28.44
C THR C 326 -0.67 -31.13 28.93
N ASP C 327 -1.89 -30.81 29.41
CA ASP C 327 -2.88 -31.79 29.84
C ASP C 327 -3.89 -32.03 28.69
N ASN C 328 -3.57 -31.52 27.47
CA ASN C 328 -4.33 -31.64 26.23
C ASN C 328 -5.54 -30.70 26.10
N LEU C 329 -5.81 -29.85 27.11
CA LEU C 329 -6.98 -28.94 27.11
C LEU C 329 -6.66 -27.51 26.67
N VAL C 330 -7.69 -26.84 26.16
CA VAL C 330 -7.63 -25.43 25.81
C VAL C 330 -8.48 -24.76 26.89
N ARG C 331 -7.89 -23.79 27.61
CA ARG C 331 -8.63 -23.03 28.63
C ARG C 331 -9.02 -21.67 28.09
N VAL C 332 -10.29 -21.30 28.31
CA VAL C 332 -10.92 -20.07 27.86
C VAL C 332 -10.94 -19.04 29.01
N TRP C 333 -10.17 -17.96 28.87
CA TRP C 333 -10.07 -16.88 29.85
C TRP C 333 -10.79 -15.66 29.30
N GLN C 334 -11.69 -15.06 30.09
CA GLN C 334 -12.54 -13.97 29.65
C GLN C 334 -12.33 -12.70 30.47
N VAL C 335 -12.24 -11.54 29.77
CA VAL C 335 -12.07 -10.21 30.37
C VAL C 335 -13.35 -9.89 31.12
N THR C 336 -13.22 -9.66 32.43
CA THR C 336 -14.35 -9.45 33.34
C THR C 336 -14.27 -8.16 34.19
N ILE C 337 -15.42 -7.80 34.82
CA ILE C 337 -15.76 -6.66 35.69
C ILE C 337 -14.61 -5.77 36.24
#